data_3F8R
#
_entry.id   3F8R
#
_cell.length_a   76.871
_cell.length_b   123.425
_cell.length_c   127.435
_cell.angle_alpha   90.00
_cell.angle_beta   90.00
_cell.angle_gamma   90.00
#
_symmetry.space_group_name_H-M   'P 21 21 21'
#
loop_
_entity.id
_entity.type
_entity.pdbx_description
1 polymer 'Thioredoxin reductase (TrxB-3)'
2 non-polymer 'NADP NICOTINAMIDE-ADENINE-DINUCLEOTIDE PHOSPHATE'
3 water water
#
_entity_poly.entity_id   1
_entity_poly.type   'polypeptide(L)'
_entity_poly.pdbx_seq_one_letter_code
;MSLLPRTTSVKPGEKFDVIIVGLGPAAYGAALYSARYMLKTLVIGETPGGQLTEAGIVDDYLGLIEIQASDMIKVFNKHI
EKYEVPVLLDIVEKIENRGDEFVVKTKRKGEFKADSVILGIGVKRRKLGVPGEQEFAGRGISYCSVCDAPLFKNRVVAVI
GGGDSALEGAEILSSYSTKVYLIHRRDTFKAQPIYVETVKKKPNVEFVLNSVVKEIKGDKVVKQVVVENLKTGEIKELNV
NGVFIEIGFDPPTDFAKSNGIETDTNGYIKVDEWMRTSVPGVFAAGDCTSAWLGFRQVITAVAQGAVAATSAYRYVTEKK
GKK
;
_entity_poly.pdbx_strand_id   A,B,C,D
#
# COMPACT_ATOMS: atom_id res chain seq x y z
N VAL A 10 -6.41 23.70 -15.62
CA VAL A 10 -5.93 22.30 -15.67
C VAL A 10 -7.08 21.37 -15.98
N LYS A 11 -6.77 20.12 -16.27
CA LYS A 11 -7.78 19.14 -16.62
C LYS A 11 -7.63 17.85 -15.80
N PRO A 12 -8.76 17.22 -15.42
CA PRO A 12 -8.75 15.97 -14.63
C PRO A 12 -7.77 14.99 -15.30
N GLY A 13 -7.07 14.19 -14.48
CA GLY A 13 -6.12 13.24 -15.03
C GLY A 13 -4.71 13.80 -15.22
N GLU A 14 -4.55 15.12 -15.24
CA GLU A 14 -3.22 15.69 -15.42
C GLU A 14 -2.33 15.34 -14.24
N LYS A 15 -1.04 15.14 -14.50
CA LYS A 15 -0.11 14.80 -13.44
C LYS A 15 0.74 15.96 -13.00
N PHE A 16 1.03 16.02 -11.71
CA PHE A 16 1.84 17.10 -11.18
C PHE A 16 2.96 16.55 -10.33
N ASP A 17 4.02 17.32 -10.14
CA ASP A 17 5.12 16.88 -9.29
C ASP A 17 4.61 16.98 -7.87
N VAL A 18 3.84 18.04 -7.61
CA VAL A 18 3.31 18.23 -6.27
C VAL A 18 1.94 18.90 -6.30
N ILE A 19 1.06 18.43 -5.43
CA ILE A 19 -0.27 19.02 -5.32
C ILE A 19 -0.35 19.54 -3.87
N ILE A 20 -0.72 20.80 -3.74
CA ILE A 20 -0.85 21.42 -2.44
C ILE A 20 -2.34 21.54 -2.13
N VAL A 21 -2.74 21.11 -0.94
CA VAL A 21 -4.15 21.16 -0.55
C VAL A 21 -4.34 22.32 0.45
N GLY A 22 -5.30 23.18 0.15
CA GLY A 22 -5.55 24.35 0.99
C GLY A 22 -5.16 25.60 0.24
N LEU A 23 -5.69 26.76 0.65
CA LEU A 23 -5.33 28.02 0.00
C LEU A 23 -5.06 29.10 1.06
N GLY A 24 -4.49 28.66 2.18
CA GLY A 24 -4.13 29.57 3.24
C GLY A 24 -2.65 29.95 3.10
N PRO A 25 -2.15 30.77 4.03
CA PRO A 25 -0.75 31.22 4.00
C PRO A 25 0.26 30.07 3.86
N ALA A 26 -0.01 28.95 4.52
CA ALA A 26 0.94 27.82 4.39
C ALA A 26 0.96 27.36 2.94
N ALA A 27 -0.21 27.26 2.34
CA ALA A 27 -0.30 26.79 0.96
C ALA A 27 0.36 27.79 -0.02
N TYR A 28 0.15 29.10 0.21
CA TYR A 28 0.78 30.11 -0.65
C TYR A 28 2.29 29.97 -0.51
N GLY A 29 2.72 29.80 0.73
CA GLY A 29 4.14 29.66 1.02
C GLY A 29 4.75 28.47 0.34
N ALA A 30 4.08 27.33 0.41
CA ALA A 30 4.63 26.15 -0.25
C ALA A 30 4.53 26.27 -1.78
N ALA A 31 3.47 26.92 -2.30
CA ALA A 31 3.37 27.05 -3.75
C ALA A 31 4.47 27.94 -4.29
N LEU A 32 4.80 29.02 -3.57
CA LEU A 32 5.86 29.91 -4.02
C LEU A 32 7.21 29.18 -4.19
N TYR A 33 7.63 28.41 -3.17
CA TYR A 33 8.89 27.66 -3.23
C TYR A 33 8.80 26.47 -4.22
N SER A 34 7.66 25.82 -4.29
CA SER A 34 7.49 24.70 -5.21
C SER A 34 7.68 25.11 -6.66
N ALA A 35 7.03 26.20 -7.05
CA ALA A 35 7.16 26.69 -8.43
C ALA A 35 8.58 27.16 -8.70
N ARG A 36 9.23 27.77 -7.71
CA ARG A 36 10.60 28.25 -7.92
C ARG A 36 11.62 27.13 -8.01
N TYR A 37 11.28 25.95 -7.47
CA TYR A 37 12.14 24.75 -7.56
C TYR A 37 11.84 24.07 -8.92
N MET A 38 10.94 24.66 -9.70
CA MET A 38 10.51 24.10 -10.98
C MET A 38 9.70 22.81 -10.86
N LEU A 39 8.95 22.65 -9.77
CA LEU A 39 8.10 21.47 -9.59
C LEU A 39 6.78 21.83 -10.30
N LYS A 40 6.25 20.96 -11.16
CA LYS A 40 4.98 21.27 -11.80
C LYS A 40 4.00 21.23 -10.65
N THR A 41 3.44 22.38 -10.35
CA THR A 41 2.59 22.53 -9.18
C THR A 41 1.10 22.84 -9.39
N LEU A 42 0.25 22.25 -8.53
CA LEU A 42 -1.18 22.51 -8.55
C LEU A 42 -1.65 22.80 -7.13
N VAL A 43 -2.37 23.91 -6.94
CA VAL A 43 -2.90 24.17 -5.63
C VAL A 43 -4.39 23.90 -5.69
N ILE A 44 -4.92 23.13 -4.73
CA ILE A 44 -6.36 22.92 -4.68
C ILE A 44 -6.82 23.35 -3.28
N GLY A 45 -7.54 24.46 -3.22
CA GLY A 45 -8.01 24.93 -1.94
C GLY A 45 -9.43 25.45 -1.99
N GLU A 46 -10.16 25.29 -0.90
CA GLU A 46 -11.55 25.72 -0.84
C GLU A 46 -11.73 27.23 -0.68
N THR A 47 -11.13 27.83 0.35
CA THR A 47 -11.26 29.29 0.57
C THR A 47 -9.94 30.03 0.43
N PRO A 48 -9.81 30.92 -0.59
CA PRO A 48 -8.57 31.67 -0.77
C PRO A 48 -8.25 32.53 0.45
N GLY A 49 -7.02 32.39 0.97
CA GLY A 49 -6.60 33.14 2.14
C GLY A 49 -6.89 32.44 3.46
N GLY A 50 -7.76 31.43 3.42
CA GLY A 50 -8.07 30.70 4.62
C GLY A 50 -8.60 31.57 5.75
N GLN A 51 -8.07 31.37 6.95
CA GLN A 51 -8.47 32.14 8.11
C GLN A 51 -8.26 33.66 7.92
N LEU A 52 -7.42 34.04 6.96
CA LEU A 52 -7.20 35.45 6.67
C LEU A 52 -8.53 36.13 6.30
N THR A 53 -9.50 35.36 5.79
CA THR A 53 -10.80 35.90 5.43
C THR A 53 -11.49 36.57 6.64
N GLU A 54 -11.23 36.09 7.85
CA GLU A 54 -11.88 36.64 9.05
C GLU A 54 -11.02 37.59 9.85
N ALA A 55 -9.91 38.06 9.29
CA ALA A 55 -9.03 38.97 10.01
C ALA A 55 -9.19 40.40 9.54
N GLY A 56 -8.68 41.33 10.33
CA GLY A 56 -8.78 42.73 9.94
C GLY A 56 -7.44 43.23 9.45
N ILE A 57 -6.78 44.04 10.27
CA ILE A 57 -5.47 44.56 9.92
C ILE A 57 -4.46 43.55 10.41
N VAL A 58 -3.44 43.28 9.59
CA VAL A 58 -2.39 42.36 9.96
C VAL A 58 -1.11 43.15 10.10
N ASP A 59 -0.52 43.13 11.28
CA ASP A 59 0.69 43.92 11.47
C ASP A 59 1.81 43.11 12.13
N ASP A 60 1.78 41.79 11.92
CA ASP A 60 2.78 40.89 12.53
C ASP A 60 3.58 40.08 11.50
N TYR A 61 3.41 40.41 10.22
CA TYR A 61 4.16 39.74 9.14
C TYR A 61 5.16 40.80 8.67
N LEU A 62 6.41 40.63 9.08
CA LEU A 62 7.47 41.57 8.83
C LEU A 62 7.58 42.07 7.40
N GLY A 63 7.52 43.39 7.26
CA GLY A 63 7.64 43.97 5.93
C GLY A 63 6.32 44.35 5.29
N LEU A 64 5.20 43.85 5.82
CA LEU A 64 3.88 44.21 5.28
C LEU A 64 3.17 44.98 6.40
N ILE A 65 3.48 46.27 6.45
CA ILE A 65 2.99 47.15 7.51
C ILE A 65 1.52 47.46 7.52
N GLU A 66 0.87 47.07 8.62
CA GLU A 66 -0.54 47.34 8.82
C GLU A 66 -1.36 47.13 7.54
N ILE A 67 -1.31 45.92 7.02
CA ILE A 67 -2.02 45.60 5.81
C ILE A 67 -3.38 44.93 6.11
N GLN A 68 -4.40 45.32 5.36
CA GLN A 68 -5.70 44.69 5.53
C GLN A 68 -5.52 43.24 5.14
N ALA A 69 -6.18 42.35 5.87
CA ALA A 69 -6.09 40.94 5.56
C ALA A 69 -6.52 40.69 4.10
N SER A 70 -7.53 41.41 3.62
CA SER A 70 -7.96 41.21 2.24
C SER A 70 -6.85 41.55 1.24
N ASP A 71 -6.04 42.56 1.53
CA ASP A 71 -4.94 42.91 0.65
C ASP A 71 -3.77 41.94 0.84
N MET A 72 -3.66 41.30 2.00
CA MET A 72 -2.59 40.32 2.17
C MET A 72 -2.94 39.12 1.31
N ILE A 73 -4.22 38.77 1.26
CA ILE A 73 -4.66 37.65 0.44
C ILE A 73 -4.38 37.94 -1.04
N LYS A 74 -4.64 39.17 -1.47
CA LYS A 74 -4.44 39.54 -2.85
C LYS A 74 -2.99 39.48 -3.31
N VAL A 75 -2.09 40.04 -2.52
CA VAL A 75 -0.70 40.02 -2.92
C VAL A 75 -0.13 38.59 -2.82
N PHE A 76 -0.58 37.81 -1.83
CA PHE A 76 -0.12 36.40 -1.70
C PHE A 76 -0.47 35.67 -3.01
N ASN A 77 -1.72 35.80 -3.46
CA ASN A 77 -2.13 35.18 -4.72
C ASN A 77 -1.35 35.73 -5.95
N LYS A 78 -1.08 37.01 -5.97
CA LYS A 78 -0.34 37.57 -7.11
C LYS A 78 1.08 37.03 -7.12
N HIS A 79 1.62 36.72 -5.94
CA HIS A 79 3.00 36.23 -5.87
C HIS A 79 3.09 34.85 -6.48
N ILE A 80 2.11 33.98 -6.22
CA ILE A 80 2.23 32.67 -6.84
C ILE A 80 1.74 32.67 -8.29
N GLU A 81 0.83 33.59 -8.64
CA GLU A 81 0.37 33.67 -10.03
C GLU A 81 1.48 34.21 -10.97
N LYS A 82 2.45 34.91 -10.38
CA LYS A 82 3.61 35.41 -11.12
C LYS A 82 4.37 34.19 -11.64
N TYR A 83 4.17 33.05 -10.99
CA TYR A 83 4.84 31.82 -11.38
C TYR A 83 3.87 30.89 -12.09
N GLU A 84 2.70 31.46 -12.43
CA GLU A 84 1.68 30.74 -13.13
C GLU A 84 1.27 29.44 -12.48
N VAL A 85 1.17 29.46 -11.14
CA VAL A 85 0.73 28.26 -10.45
C VAL A 85 -0.78 28.19 -10.60
N PRO A 86 -1.27 27.07 -11.16
CA PRO A 86 -2.72 26.98 -11.32
C PRO A 86 -3.36 26.72 -9.97
N VAL A 87 -4.48 27.39 -9.74
CA VAL A 87 -5.24 27.27 -8.51
C VAL A 87 -6.65 26.78 -8.81
N LEU A 88 -7.02 25.69 -8.17
CA LEU A 88 -8.33 25.11 -8.34
C LEU A 88 -9.15 25.34 -7.07
N LEU A 89 -10.25 26.07 -7.18
CA LEU A 89 -11.09 26.30 -6.01
C LEU A 89 -12.05 25.14 -5.81
N ASP A 90 -11.70 24.25 -4.88
CA ASP A 90 -12.55 23.08 -4.59
C ASP A 90 -12.04 22.41 -3.32
N ILE A 91 -12.76 21.40 -2.90
CA ILE A 91 -12.46 20.67 -1.70
C ILE A 91 -11.86 19.32 -2.05
N VAL A 92 -10.73 18.99 -1.44
CA VAL A 92 -10.09 17.70 -1.67
C VAL A 92 -10.80 16.73 -0.75
N GLU A 93 -11.38 15.68 -1.34
CA GLU A 93 -12.11 14.69 -0.56
C GLU A 93 -11.26 13.50 -0.12
N LYS A 94 -10.27 13.13 -0.94
CA LYS A 94 -9.48 11.97 -0.61
C LYS A 94 -8.11 11.97 -1.27
N ILE A 95 -7.15 11.41 -0.56
CA ILE A 95 -5.80 11.31 -1.09
C ILE A 95 -5.48 9.81 -1.04
N GLU A 96 -5.31 9.21 -2.22
CA GLU A 96 -5.02 7.79 -2.29
C GLU A 96 -3.65 7.53 -2.87
N ASN A 97 -3.04 6.47 -2.37
CA ASN A 97 -1.71 6.05 -2.80
C ASN A 97 -1.88 4.95 -3.86
N ARG A 98 -2.01 5.35 -5.12
CA ARG A 98 -2.20 4.39 -6.20
C ARG A 98 -1.29 4.68 -7.37
N GLU A 101 2.34 6.55 -7.12
CA GLU A 101 2.00 7.96 -7.11
C GLU A 101 0.70 8.23 -6.34
N PHE A 102 0.34 9.50 -6.15
CA PHE A 102 -0.88 9.87 -5.42
C PHE A 102 -2.02 10.29 -6.38
N VAL A 103 -3.24 9.98 -5.97
CA VAL A 103 -4.42 10.35 -6.71
C VAL A 103 -5.18 11.19 -5.71
N VAL A 104 -5.42 12.44 -6.11
CA VAL A 104 -6.13 13.39 -5.28
C VAL A 104 -7.52 13.55 -5.86
N LYS A 105 -8.52 13.21 -5.08
CA LYS A 105 -9.93 13.28 -5.49
C LYS A 105 -10.61 14.50 -4.89
N THR A 106 -11.15 15.34 -5.77
CA THR A 106 -11.82 16.56 -5.34
C THR A 106 -13.33 16.38 -5.40
N LYS A 107 -14.04 17.27 -4.72
CA LYS A 107 -15.50 17.18 -4.64
C LYS A 107 -16.21 17.34 -5.96
N ARG A 108 -15.80 18.29 -6.79
CA ARG A 108 -16.53 18.44 -8.05
C ARG A 108 -15.68 18.75 -9.26
N LYS A 109 -14.38 18.54 -9.16
CA LYS A 109 -13.55 18.85 -10.30
C LYS A 109 -12.70 17.73 -10.80
N GLY A 110 -12.96 16.53 -10.30
CA GLY A 110 -12.22 15.37 -10.75
C GLY A 110 -11.06 14.97 -9.87
N GLU A 111 -10.26 14.05 -10.43
CA GLU A 111 -9.08 13.50 -9.79
C GLU A 111 -7.83 13.99 -10.49
N PHE A 112 -6.77 14.18 -9.71
CA PHE A 112 -5.50 14.63 -10.23
C PHE A 112 -4.39 13.73 -9.67
N LYS A 113 -3.30 13.58 -10.44
CA LYS A 113 -2.21 12.72 -10.02
C LYS A 113 -1.01 13.53 -9.58
N ALA A 114 -0.23 13.01 -8.64
CA ALA A 114 0.91 13.75 -8.14
C ALA A 114 1.97 12.84 -7.54
N ASP A 115 3.24 13.20 -7.71
CA ASP A 115 4.31 12.40 -7.08
C ASP A 115 4.36 12.74 -5.61
N SER A 116 3.90 13.94 -5.25
CA SER A 116 3.94 14.29 -3.83
C SER A 116 2.77 15.19 -3.50
N VAL A 117 2.48 15.29 -2.21
CA VAL A 117 1.38 16.08 -1.73
C VAL A 117 1.77 16.90 -0.48
N ILE A 118 1.42 18.19 -0.47
CA ILE A 118 1.69 19.04 0.70
C ILE A 118 0.34 19.49 1.27
N LEU A 119 0.06 19.12 2.52
CA LEU A 119 -1.21 19.50 3.15
C LEU A 119 -1.12 20.85 3.93
N GLY A 120 -1.91 21.83 3.56
CA GLY A 120 -1.90 23.11 4.29
C GLY A 120 -3.36 23.41 4.60
N ILE A 121 -4.04 22.40 5.13
CA ILE A 121 -5.49 22.50 5.39
C ILE A 121 -5.95 23.21 6.63
N GLY A 122 -4.98 23.68 7.43
CA GLY A 122 -5.29 24.45 8.63
C GLY A 122 -6.22 23.80 9.62
N VAL A 123 -6.90 24.63 10.39
CA VAL A 123 -7.83 24.13 11.40
C VAL A 123 -9.12 24.97 11.34
N LYS A 124 -10.18 24.47 11.93
CA LYS A 124 -11.44 25.23 11.92
C LYS A 124 -11.66 25.81 13.30
N ARG A 125 -11.93 27.11 13.33
CA ARG A 125 -12.18 27.84 14.56
C ARG A 125 -13.45 27.25 15.19
N ARG A 126 -13.44 27.03 16.50
CA ARG A 126 -14.63 26.50 17.16
C ARG A 126 -15.58 27.66 17.27
N LYS A 127 -16.76 27.52 16.67
CA LYS A 127 -17.72 28.59 16.71
C LYS A 127 -18.32 28.74 18.09
N LEU A 128 -18.66 29.97 18.44
CA LEU A 128 -19.25 30.24 19.75
C LEU A 128 -20.76 30.26 19.55
N GLY A 129 -21.21 31.07 18.61
CA GLY A 129 -22.62 31.16 18.31
C GLY A 129 -23.51 31.88 19.32
N VAL A 130 -23.32 33.19 19.45
CA VAL A 130 -24.13 33.99 20.36
C VAL A 130 -24.64 35.19 19.59
N PRO A 131 -25.86 35.64 19.90
CA PRO A 131 -26.48 36.79 19.23
C PRO A 131 -25.50 37.98 19.13
N GLY A 132 -25.36 38.54 17.94
CA GLY A 132 -24.46 39.67 17.76
C GLY A 132 -23.10 39.29 17.17
N GLU A 133 -22.70 38.04 17.35
CA GLU A 133 -21.41 37.61 16.82
C GLU A 133 -21.22 37.90 15.33
N GLN A 134 -22.30 37.78 14.56
CA GLN A 134 -22.26 38.07 13.12
C GLN A 134 -22.45 39.57 12.93
N GLU A 135 -23.36 40.15 13.68
CA GLU A 135 -23.66 41.57 13.55
C GLU A 135 -22.46 42.44 13.80
N PHE A 136 -21.56 42.00 14.66
CA PHE A 136 -20.40 42.82 14.95
C PHE A 136 -19.08 42.26 14.48
N ALA A 137 -19.14 41.39 13.48
CA ALA A 137 -17.92 40.83 12.93
C ALA A 137 -17.11 42.01 12.43
N GLY A 138 -15.81 42.02 12.75
CA GLY A 138 -14.94 43.12 12.34
C GLY A 138 -15.36 44.42 12.98
N ARG A 139 -16.34 44.34 13.87
CA ARG A 139 -16.86 45.52 14.53
C ARG A 139 -16.54 45.58 16.02
N GLY A 140 -15.44 44.94 16.42
CA GLY A 140 -15.07 44.94 17.82
C GLY A 140 -14.95 43.54 18.37
N ILE A 141 -15.16 42.56 17.50
CA ILE A 141 -15.03 41.15 17.90
C ILE A 141 -13.78 40.65 17.17
N SER A 142 -12.90 39.99 17.91
CA SER A 142 -11.66 39.46 17.33
C SER A 142 -11.56 38.00 17.74
N TYR A 143 -10.83 37.22 16.95
CA TYR A 143 -10.63 35.81 17.26
C TYR A 143 -9.16 35.54 17.56
N CYS A 144 -8.39 36.61 17.75
CA CYS A 144 -6.96 36.48 18.02
C CYS A 144 -6.39 37.61 18.91
N SER A 145 -6.28 37.32 20.20
CA SER A 145 -5.76 38.28 21.18
C SER A 145 -4.36 38.81 20.85
N VAL A 146 -3.41 37.91 20.61
CA VAL A 146 -2.07 38.41 20.33
C VAL A 146 -2.01 39.26 19.05
N CYS A 147 -2.80 38.90 18.04
CA CYS A 147 -2.78 39.65 16.81
C CYS A 147 -3.36 41.06 16.99
N ASP A 148 -4.49 41.16 17.68
CA ASP A 148 -5.15 42.43 17.78
C ASP A 148 -4.96 43.29 19.03
N ALA A 149 -4.30 42.74 20.05
CA ALA A 149 -4.09 43.51 21.29
C ALA A 149 -3.57 44.94 21.07
N PRO A 150 -2.62 45.15 20.14
CA PRO A 150 -2.13 46.52 19.96
C PRO A 150 -3.18 47.49 19.51
N LEU A 151 -4.26 46.97 18.97
CA LEU A 151 -5.32 47.84 18.48
C LEU A 151 -6.26 48.26 19.60
N PHE A 152 -6.04 47.76 20.81
CA PHE A 152 -6.95 48.11 21.88
C PHE A 152 -6.32 48.77 23.07
N LYS A 153 -5.24 49.50 22.83
CA LYS A 153 -4.55 50.21 23.89
C LYS A 153 -5.60 51.10 24.56
N ASN A 154 -5.57 51.12 25.89
CA ASN A 154 -6.48 51.91 26.71
C ASN A 154 -7.97 51.76 26.43
N ARG A 155 -8.39 50.52 26.14
CA ARG A 155 -9.78 50.18 25.92
C ARG A 155 -10.16 49.05 26.88
N VAL A 156 -11.44 48.84 27.09
CA VAL A 156 -11.87 47.77 27.97
C VAL A 156 -12.26 46.60 27.10
N VAL A 157 -11.84 45.39 27.46
CA VAL A 157 -12.16 44.23 26.66
C VAL A 157 -12.55 43.01 27.50
N ALA A 158 -13.12 42.01 26.85
CA ALA A 158 -13.46 40.76 27.49
C ALA A 158 -12.80 39.66 26.64
N VAL A 159 -12.39 38.58 27.28
CA VAL A 159 -11.78 37.44 26.59
C VAL A 159 -12.66 36.29 27.03
N ILE A 160 -13.10 35.47 26.07
CA ILE A 160 -13.94 34.31 26.35
C ILE A 160 -13.11 33.04 26.17
N GLY A 161 -13.06 32.24 27.22
CA GLY A 161 -12.30 31.01 27.15
C GLY A 161 -11.58 30.70 28.44
N GLY A 162 -11.11 29.45 28.54
CA GLY A 162 -10.38 29.03 29.72
C GLY A 162 -9.09 28.28 29.44
N GLY A 163 -8.64 28.29 28.19
CA GLY A 163 -7.40 27.58 27.86
C GLY A 163 -6.20 28.48 27.71
N ASP A 164 -5.12 27.90 27.17
CA ASP A 164 -3.87 28.63 26.95
C ASP A 164 -4.12 29.88 26.10
N SER A 165 -4.89 29.73 25.03
CA SER A 165 -5.18 30.87 24.17
C SER A 165 -5.86 32.03 24.90
N ALA A 166 -6.87 31.72 25.71
CA ALA A 166 -7.60 32.74 26.44
C ALA A 166 -6.73 33.40 27.50
N LEU A 167 -5.99 32.61 28.25
CA LEU A 167 -5.14 33.13 29.30
C LEU A 167 -3.99 33.94 28.76
N GLU A 168 -3.34 33.45 27.72
CA GLU A 168 -2.26 34.22 27.14
C GLU A 168 -2.82 35.50 26.54
N GLY A 169 -4.02 35.39 25.97
CA GLY A 169 -4.68 36.54 25.38
C GLY A 169 -4.98 37.61 26.44
N ALA A 170 -5.49 37.15 27.58
CA ALA A 170 -5.79 38.05 28.70
C ALA A 170 -4.51 38.66 29.26
N GLU A 171 -3.41 37.94 29.14
CA GLU A 171 -2.10 38.41 29.62
C GLU A 171 -1.56 39.56 28.77
N ILE A 172 -1.57 39.35 27.46
CA ILE A 172 -1.08 40.39 26.59
C ILE A 172 -2.07 41.56 26.55
N LEU A 173 -3.37 41.28 26.57
CA LEU A 173 -4.37 42.35 26.53
C LEU A 173 -4.30 43.17 27.82
N SER A 174 -3.95 42.52 28.92
CA SER A 174 -3.83 43.23 30.21
C SER A 174 -2.73 44.27 30.12
N SER A 175 -1.71 44.02 29.29
CA SER A 175 -0.65 45.00 29.11
C SER A 175 -1.07 46.21 28.27
N TYR A 176 -1.84 45.97 27.21
CA TYR A 176 -2.26 47.05 26.30
C TYR A 176 -3.49 47.81 26.75
N SER A 177 -4.49 47.05 27.15
CA SER A 177 -5.77 47.56 27.54
C SER A 177 -5.92 48.13 28.93
N THR A 178 -7.05 48.80 29.12
CA THR A 178 -7.42 49.41 30.39
C THR A 178 -7.69 48.29 31.37
N LYS A 179 -8.60 47.40 30.99
CA LYS A 179 -8.95 46.27 31.81
C LYS A 179 -9.46 45.12 30.95
N VAL A 180 -9.39 43.92 31.50
CA VAL A 180 -9.83 42.70 30.84
C VAL A 180 -10.78 41.88 31.69
N TYR A 181 -11.88 41.47 31.10
CA TYR A 181 -12.83 40.59 31.77
C TYR A 181 -12.54 39.19 31.20
N LEU A 182 -12.06 38.27 32.03
CA LEU A 182 -11.79 36.91 31.55
C LEU A 182 -13.04 36.12 31.89
N ILE A 183 -13.83 35.81 30.87
CA ILE A 183 -15.11 35.10 31.04
C ILE A 183 -15.00 33.62 30.71
N HIS A 184 -15.20 32.78 31.71
CA HIS A 184 -15.11 31.34 31.51
C HIS A 184 -16.30 30.59 32.08
N ARG A 185 -16.73 29.56 31.36
CA ARG A 185 -17.90 28.80 31.80
C ARG A 185 -17.65 27.82 32.93
N ARG A 186 -16.38 27.47 33.16
CA ARG A 186 -16.08 26.53 34.24
C ARG A 186 -15.58 27.29 35.44
N ASP A 187 -15.43 26.55 36.53
CA ASP A 187 -14.95 27.10 37.78
C ASP A 187 -13.44 26.94 37.82
N THR A 188 -12.92 26.15 36.88
CA THR A 188 -11.48 25.88 36.79
C THR A 188 -10.99 26.17 35.38
N PHE A 189 -9.67 26.09 35.19
CA PHE A 189 -9.06 26.39 33.89
C PHE A 189 -8.34 25.23 33.23
N LYS A 190 -8.40 25.19 31.91
CA LYS A 190 -7.72 24.15 31.15
C LYS A 190 -6.31 24.59 30.74
N ALA A 191 -5.99 25.84 31.03
CA ALA A 191 -4.69 26.42 30.71
C ALA A 191 -3.62 25.96 31.68
N GLN A 192 -2.37 26.08 31.29
CA GLN A 192 -1.26 25.69 32.14
C GLN A 192 -1.34 26.47 33.45
N PRO A 193 -0.97 25.84 34.57
CA PRO A 193 -0.99 26.49 35.89
C PRO A 193 -0.17 27.78 35.92
N ILE A 194 0.99 27.76 35.27
CA ILE A 194 1.81 28.96 35.25
C ILE A 194 1.05 30.15 34.60
N TYR A 195 0.23 29.86 33.58
CA TYR A 195 -0.53 30.93 32.93
C TYR A 195 -1.57 31.53 33.85
N VAL A 196 -2.22 30.68 34.61
CA VAL A 196 -3.27 31.08 35.55
C VAL A 196 -2.75 32.01 36.65
N GLU A 197 -1.67 31.59 37.32
CA GLU A 197 -1.11 32.42 38.38
C GLU A 197 -0.58 33.75 37.87
N THR A 198 -0.08 33.77 36.64
CA THR A 198 0.46 35.00 36.03
C THR A 198 -0.68 36.00 35.79
N VAL A 199 -1.76 35.52 35.19
CA VAL A 199 -2.92 36.36 34.89
C VAL A 199 -3.54 36.80 36.21
N LYS A 200 -3.63 35.86 37.13
CA LYS A 200 -4.20 36.09 38.46
C LYS A 200 -3.52 37.27 39.15
N LYS A 201 -2.26 37.50 38.84
CA LYS A 201 -1.52 38.61 39.45
C LYS A 201 -1.67 39.93 38.71
N LYS A 202 -2.45 39.96 37.63
CA LYS A 202 -2.65 41.22 36.91
C LYS A 202 -3.83 41.97 37.59
N PRO A 203 -3.57 43.15 38.14
CA PRO A 203 -4.67 43.87 38.79
C PRO A 203 -5.85 44.29 37.91
N ASN A 204 -5.62 44.42 36.61
CA ASN A 204 -6.70 44.83 35.72
C ASN A 204 -7.32 43.68 34.95
N VAL A 205 -7.26 42.47 35.52
CA VAL A 205 -7.93 41.34 34.88
C VAL A 205 -8.96 40.83 35.89
N GLU A 206 -10.22 40.87 35.49
CA GLU A 206 -11.30 40.44 36.38
C GLU A 206 -11.88 39.12 35.90
N PHE A 207 -11.75 38.07 36.72
CA PHE A 207 -12.28 36.77 36.35
C PHE A 207 -13.80 36.79 36.49
N VAL A 208 -14.49 36.23 35.50
CA VAL A 208 -15.93 36.14 35.49
C VAL A 208 -16.14 34.65 35.19
N LEU A 209 -16.05 33.84 36.23
CA LEU A 209 -16.15 32.39 36.10
C LEU A 209 -17.56 31.80 36.16
N ASN A 210 -17.67 30.51 35.84
CA ASN A 210 -18.97 29.82 35.81
C ASN A 210 -19.94 30.68 35.04
N SER A 211 -19.40 31.43 34.11
CA SER A 211 -20.22 32.32 33.31
C SER A 211 -20.13 32.04 31.82
N VAL A 212 -21.17 32.48 31.13
CA VAL A 212 -21.27 32.33 29.68
C VAL A 212 -21.76 33.65 29.12
N VAL A 213 -21.43 33.91 27.87
CA VAL A 213 -21.87 35.12 27.20
C VAL A 213 -23.25 34.81 26.65
N LYS A 214 -24.19 35.73 26.78
CA LYS A 214 -25.53 35.49 26.25
C LYS A 214 -25.66 36.22 24.93
N GLU A 215 -25.04 37.39 24.87
CA GLU A 215 -25.04 38.16 23.64
C GLU A 215 -24.05 39.32 23.62
N ILE A 216 -23.83 39.86 22.43
CA ILE A 216 -22.91 40.98 22.21
C ILE A 216 -23.66 42.18 21.60
N LYS A 217 -23.66 43.31 22.30
CA LYS A 217 -24.37 44.48 21.79
C LYS A 217 -23.52 45.69 21.46
N GLY A 218 -24.12 46.61 20.72
CA GLY A 218 -23.46 47.85 20.33
C GLY A 218 -24.26 48.60 19.30
N ASP A 219 -23.74 49.71 18.80
CA ASP A 219 -24.45 50.46 17.77
C ASP A 219 -23.76 50.12 16.44
N LYS A 220 -22.75 50.91 16.07
CA LYS A 220 -22.00 50.65 14.85
C LYS A 220 -20.97 49.58 15.24
N VAL A 221 -20.41 49.75 16.43
CA VAL A 221 -19.41 48.84 16.96
C VAL A 221 -19.85 48.20 18.29
N VAL A 222 -19.09 47.20 18.72
CA VAL A 222 -19.38 46.52 19.98
C VAL A 222 -19.33 47.52 21.14
N LYS A 223 -20.25 47.39 22.08
CA LYS A 223 -20.28 48.27 23.24
C LYS A 223 -20.52 47.56 24.55
N GLN A 224 -21.06 46.35 24.48
CA GLN A 224 -21.33 45.60 25.70
C GLN A 224 -21.44 44.10 25.47
N VAL A 225 -21.26 43.34 26.54
CA VAL A 225 -21.42 41.90 26.50
C VAL A 225 -22.29 41.52 27.68
N VAL A 226 -23.28 40.68 27.40
CA VAL A 226 -24.24 40.21 28.41
C VAL A 226 -23.78 38.86 28.86
N VAL A 227 -23.49 38.73 30.15
CA VAL A 227 -23.02 37.49 30.71
C VAL A 227 -23.96 36.92 31.76
N GLU A 228 -24.08 35.60 31.77
CA GLU A 228 -24.94 34.91 32.72
C GLU A 228 -24.16 33.93 33.59
N ASN A 229 -24.34 34.03 34.90
CA ASN A 229 -23.68 33.15 35.85
C ASN A 229 -24.47 31.85 35.87
N LEU A 230 -23.81 30.74 35.58
CA LEU A 230 -24.48 29.44 35.53
C LEU A 230 -24.95 28.91 36.87
N LYS A 231 -24.39 29.43 37.95
CA LYS A 231 -24.77 28.96 39.28
C LYS A 231 -25.87 29.77 39.97
N THR A 232 -26.09 31.01 39.53
CA THR A 232 -27.11 31.84 40.14
C THR A 232 -28.12 32.34 39.12
N GLY A 233 -27.78 32.26 37.83
CA GLY A 233 -28.70 32.73 36.81
C GLY A 233 -28.67 34.25 36.74
N GLU A 234 -27.83 34.86 37.58
CA GLU A 234 -27.67 36.30 37.63
C GLU A 234 -27.19 36.77 36.27
N ILE A 235 -27.61 37.97 35.86
CA ILE A 235 -27.19 38.51 34.57
C ILE A 235 -26.51 39.85 34.74
N LYS A 236 -25.48 40.09 33.93
CA LYS A 236 -24.77 41.34 34.01
C LYS A 236 -24.39 41.83 32.64
N GLU A 237 -24.46 43.14 32.49
CA GLU A 237 -24.09 43.80 31.26
C GLU A 237 -22.72 44.41 31.53
N LEU A 238 -21.75 44.04 30.70
CA LEU A 238 -20.42 44.57 30.89
C LEU A 238 -20.07 45.43 29.69
N ASN A 239 -19.71 46.67 29.94
CA ASN A 239 -19.36 47.56 28.86
C ASN A 239 -17.93 47.26 28.39
N VAL A 240 -17.79 46.96 27.12
CA VAL A 240 -16.48 46.65 26.55
C VAL A 240 -16.42 47.27 25.16
N ASN A 241 -15.20 47.45 24.67
CA ASN A 241 -14.95 48.01 23.34
C ASN A 241 -14.52 46.87 22.45
N GLY A 242 -14.16 45.76 23.10
CA GLY A 242 -13.72 44.61 22.32
C GLY A 242 -14.06 43.28 22.99
N VAL A 243 -14.31 42.28 22.16
CA VAL A 243 -14.60 40.93 22.63
C VAL A 243 -13.68 39.99 21.87
N PHE A 244 -12.85 39.27 22.60
CA PHE A 244 -11.90 38.35 22.00
C PHE A 244 -12.37 36.94 22.30
N ILE A 245 -12.72 36.19 21.26
CA ILE A 245 -13.21 34.83 21.45
C ILE A 245 -12.05 33.86 21.27
N GLU A 246 -11.65 33.24 22.37
CA GLU A 246 -10.52 32.31 22.40
C GLU A 246 -10.95 30.96 22.93
N ILE A 247 -11.79 30.28 22.16
CA ILE A 247 -12.27 28.99 22.62
C ILE A 247 -11.66 27.78 21.96
N GLY A 248 -10.60 27.99 21.19
CA GLY A 248 -9.94 26.87 20.54
C GLY A 248 -10.34 26.60 19.10
N PHE A 249 -9.75 25.56 18.57
CA PHE A 249 -9.92 25.17 17.18
C PHE A 249 -10.00 23.66 17.13
N ASP A 250 -10.56 23.12 16.05
CA ASP A 250 -10.66 21.68 15.86
C ASP A 250 -9.68 21.26 14.76
N PRO A 251 -8.66 20.42 15.10
CA PRO A 251 -7.71 20.00 14.07
C PRO A 251 -8.39 19.07 13.09
N PRO A 252 -7.73 18.75 11.98
CA PRO A 252 -8.30 17.87 10.95
C PRO A 252 -8.04 16.41 11.19
N THR A 253 -8.28 15.98 12.43
CA THR A 253 -8.06 14.62 12.82
C THR A 253 -8.73 13.61 11.86
N ASP A 254 -10.04 13.76 11.65
CA ASP A 254 -10.75 12.86 10.77
C ASP A 254 -10.22 12.82 9.33
N PHE A 255 -9.83 13.96 8.79
CA PHE A 255 -9.30 13.99 7.44
C PHE A 255 -8.02 13.16 7.43
N ALA A 256 -7.20 13.40 8.45
CA ALA A 256 -5.93 12.72 8.63
C ALA A 256 -6.12 11.21 8.73
N LYS A 257 -6.99 10.77 9.62
CA LYS A 257 -7.22 9.34 9.79
C LYS A 257 -7.86 8.72 8.55
N SER A 258 -8.76 9.46 7.91
CA SER A 258 -9.40 8.94 6.71
C SER A 258 -8.37 8.77 5.58
N ASN A 259 -7.26 9.50 5.65
CA ASN A 259 -6.26 9.38 4.61
C ASN A 259 -4.97 8.66 5.02
N GLY A 260 -5.01 7.94 6.13
CA GLY A 260 -3.85 7.19 6.58
C GLY A 260 -2.69 8.04 7.08
N ILE A 261 -3.00 9.21 7.62
CA ILE A 261 -1.98 10.11 8.13
C ILE A 261 -2.03 10.14 9.64
N GLU A 262 -0.89 9.98 10.30
CA GLU A 262 -0.87 9.99 11.75
C GLU A 262 -1.09 11.39 12.34
N THR A 263 -1.75 11.43 13.49
CA THR A 263 -1.98 12.68 14.21
C THR A 263 -1.35 12.56 15.60
N ASP A 264 -1.12 13.69 16.28
CA ASP A 264 -0.52 13.66 17.61
C ASP A 264 -1.60 13.60 18.71
N THR A 265 -1.20 13.73 19.98
CA THR A 265 -2.17 13.64 21.08
C THR A 265 -3.22 14.74 21.12
N ASN A 266 -2.99 15.80 20.36
CA ASN A 266 -3.93 16.94 20.29
C ASN A 266 -4.79 16.83 19.03
N GLY A 267 -4.55 15.79 18.23
CA GLY A 267 -5.29 15.59 17.02
C GLY A 267 -4.77 16.30 15.78
N TYR A 268 -3.57 16.88 15.87
CA TYR A 268 -2.97 17.58 14.73
C TYR A 268 -2.14 16.61 13.88
N ILE A 269 -1.85 16.99 12.64
CA ILE A 269 -1.06 16.14 11.79
C ILE A 269 0.38 16.20 12.32
N LYS A 270 0.94 15.02 12.56
CA LYS A 270 2.29 14.94 13.09
C LYS A 270 3.32 15.15 12.00
N VAL A 271 4.28 16.02 12.29
CA VAL A 271 5.34 16.26 11.35
C VAL A 271 6.63 16.35 12.13
N ASP A 272 7.71 16.00 11.45
CA ASP A 272 9.02 16.10 12.06
C ASP A 272 9.52 17.48 11.69
N GLU A 273 10.77 17.76 11.98
CA GLU A 273 11.36 19.07 11.71
C GLU A 273 11.26 19.52 10.24
N TRP A 274 11.22 18.57 9.34
CA TRP A 274 11.16 18.85 7.93
C TRP A 274 9.78 18.82 7.30
N MET A 275 8.75 18.85 8.17
CA MET A 275 7.36 18.86 7.74
C MET A 275 6.93 17.55 7.06
N ARG A 276 7.63 16.46 7.35
CA ARG A 276 7.31 15.13 6.80
C ARG A 276 6.25 14.47 7.69
N THR A 277 5.17 13.95 7.08
CA THR A 277 4.13 13.26 7.84
C THR A 277 4.57 11.80 7.93
N SER A 278 3.71 10.99 8.52
CA SER A 278 3.94 9.55 8.66
C SER A 278 3.95 8.88 7.27
N VAL A 279 3.42 9.55 6.26
CA VAL A 279 3.39 8.95 4.93
C VAL A 279 4.42 9.54 3.98
N PRO A 280 5.35 8.69 3.49
CA PRO A 280 6.40 9.14 2.57
C PRO A 280 5.75 9.86 1.40
N GLY A 281 6.31 11.00 1.01
CA GLY A 281 5.72 11.73 -0.11
C GLY A 281 4.62 12.68 0.29
N VAL A 282 4.11 12.55 1.52
CA VAL A 282 3.11 13.49 1.99
C VAL A 282 3.71 14.38 3.09
N PHE A 283 3.62 15.69 2.88
CA PHE A 283 4.14 16.71 3.78
C PHE A 283 3.02 17.60 4.28
N ALA A 284 3.27 18.45 5.28
CA ALA A 284 2.23 19.32 5.78
C ALA A 284 2.83 20.59 6.40
N ALA A 285 2.05 21.66 6.39
CA ALA A 285 2.55 22.90 6.91
C ALA A 285 1.41 23.74 7.43
N GLY A 286 1.74 24.65 8.34
CA GLY A 286 0.74 25.54 8.86
C GLY A 286 0.03 25.00 10.09
N ASP A 287 -1.09 25.60 10.48
CA ASP A 287 -1.61 25.11 11.73
C ASP A 287 -2.31 23.78 11.79
N CYS A 288 -2.31 23.03 10.68
CA CYS A 288 -2.86 21.69 10.73
C CYS A 288 -1.81 20.75 11.33
N THR A 289 -0.56 21.21 11.38
CA THR A 289 0.55 20.41 11.88
C THR A 289 0.84 20.50 13.38
N SER A 290 1.63 19.56 13.87
CA SER A 290 1.98 19.52 15.28
C SER A 290 3.14 20.46 15.63
N ALA A 291 3.71 21.10 14.62
CA ALA A 291 4.88 21.96 14.90
C ALA A 291 4.47 23.35 15.33
N TRP A 292 5.08 23.82 16.42
CA TRP A 292 4.76 25.13 17.01
C TRP A 292 3.26 25.17 17.26
N LEU A 293 2.78 24.05 17.78
CA LEU A 293 1.36 23.89 18.08
C LEU A 293 0.82 25.08 18.88
N GLY A 294 -0.27 25.66 18.39
CA GLY A 294 -0.89 26.78 19.09
C GLY A 294 -0.45 28.15 18.64
N PHE A 295 0.74 28.20 18.06
CA PHE A 295 1.26 29.45 17.56
C PHE A 295 0.61 29.51 16.20
N ARG A 296 -0.38 30.34 16.04
CA ARG A 296 -1.08 30.40 14.77
C ARG A 296 -0.84 31.73 14.13
N GLN A 297 0.33 31.85 13.51
CA GLN A 297 0.73 33.08 12.86
C GLN A 297 0.97 32.91 11.38
N VAL A 298 0.66 33.94 10.60
CA VAL A 298 0.90 33.89 9.18
C VAL A 298 2.39 33.60 8.89
N ILE A 299 3.29 34.37 9.51
CA ILE A 299 4.74 34.22 9.29
C ILE A 299 5.26 32.79 9.44
N THR A 300 4.92 32.10 10.53
CA THR A 300 5.38 30.72 10.70
C THR A 300 4.70 29.74 9.73
N ALA A 301 3.41 29.96 9.43
CA ALA A 301 2.72 29.09 8.47
C ALA A 301 3.41 29.21 7.09
N VAL A 302 3.75 30.43 6.65
CA VAL A 302 4.43 30.65 5.36
C VAL A 302 5.83 30.01 5.33
N ALA A 303 6.52 30.09 6.47
CA ALA A 303 7.83 29.50 6.57
C ALA A 303 7.74 27.96 6.51
N GLN A 304 6.75 27.37 7.17
CA GLN A 304 6.63 25.91 7.15
C GLN A 304 6.31 25.48 5.74
N GLY A 305 5.60 26.33 5.00
CA GLY A 305 5.28 26.00 3.61
C GLY A 305 6.56 25.95 2.77
N ALA A 306 7.48 26.88 2.99
CA ALA A 306 8.75 26.88 2.27
C ALA A 306 9.50 25.59 2.63
N VAL A 307 9.43 25.17 3.90
CA VAL A 307 10.11 23.95 4.34
C VAL A 307 9.47 22.70 3.74
N ALA A 308 8.14 22.60 3.80
CA ALA A 308 7.46 21.46 3.20
C ALA A 308 7.72 21.43 1.71
N ALA A 309 7.73 22.59 1.03
CA ALA A 309 8.02 22.56 -0.43
C ALA A 309 9.45 22.04 -0.69
N THR A 310 10.39 22.38 0.19
CA THR A 310 11.78 21.91 0.04
C THR A 310 11.87 20.38 0.25
N SER A 311 11.13 19.86 1.23
CA SER A 311 11.12 18.41 1.46
C SER A 311 10.42 17.72 0.30
N ALA A 312 9.38 18.36 -0.26
CA ALA A 312 8.68 17.80 -1.44
C ALA A 312 9.68 17.76 -2.62
N TYR A 313 10.41 18.84 -2.80
CA TYR A 313 11.41 18.90 -3.85
C TYR A 313 12.51 17.79 -3.75
N ARG A 314 13.05 17.57 -2.56
CA ARG A 314 14.07 16.55 -2.33
C ARG A 314 13.53 15.14 -2.54
N TYR A 315 12.27 14.95 -2.15
CA TYR A 315 11.59 13.68 -2.30
C TYR A 315 11.39 13.35 -3.77
N VAL A 316 10.81 14.29 -4.52
CA VAL A 316 10.55 14.08 -5.92
C VAL A 316 11.82 13.93 -6.77
N THR A 317 12.80 14.81 -6.56
CA THR A 317 14.00 14.73 -7.38
C THR A 317 14.75 13.42 -7.11
N GLU A 318 14.55 12.85 -5.92
CA GLU A 318 15.19 11.60 -5.56
C GLU A 318 14.33 10.39 -5.91
N LYS A 319 13.12 10.67 -6.41
CA LYS A 319 12.23 9.61 -6.84
C LYS A 319 12.29 9.65 -8.36
N VAL B 10 18.51 55.54 24.38
CA VAL B 10 18.96 54.56 25.37
C VAL B 10 20.28 54.97 26.02
N LYS B 11 20.43 54.63 27.30
CA LYS B 11 21.61 54.98 28.09
C LYS B 11 22.49 53.81 28.45
N PRO B 12 23.83 54.00 28.43
CA PRO B 12 24.68 52.87 28.81
C PRO B 12 24.12 52.52 30.17
N GLY B 13 23.86 51.24 30.40
CA GLY B 13 23.24 50.82 31.63
C GLY B 13 21.80 50.60 31.16
N GLU B 14 20.81 50.79 32.01
CA GLU B 14 19.42 50.59 31.59
C GLU B 14 19.17 49.12 31.29
N LYS B 15 18.14 48.57 31.93
CA LYS B 15 17.79 47.17 31.74
C LYS B 15 16.64 47.06 30.74
N PHE B 16 16.61 45.97 30.00
CA PHE B 16 15.55 45.74 29.03
C PHE B 16 14.98 44.36 29.30
N ASP B 17 13.80 44.11 28.78
CA ASP B 17 13.19 42.81 28.99
C ASP B 17 13.96 41.86 28.09
N VAL B 18 14.38 42.38 26.94
CA VAL B 18 15.10 41.54 26.01
C VAL B 18 16.00 42.37 25.12
N ILE B 19 17.18 41.84 24.85
CA ILE B 19 18.14 42.48 23.99
C ILE B 19 18.36 41.48 22.83
N ILE B 20 18.23 41.97 21.61
CA ILE B 20 18.38 41.17 20.39
C ILE B 20 19.72 41.51 19.78
N VAL B 21 20.56 40.50 19.55
CA VAL B 21 21.89 40.70 18.97
C VAL B 21 21.85 40.35 17.48
N GLY B 22 22.19 41.35 16.67
CA GLY B 22 22.19 41.19 15.24
C GLY B 22 21.16 42.10 14.62
N LEU B 23 21.25 42.28 13.31
CA LEU B 23 20.32 43.15 12.65
C LEU B 23 20.01 42.60 11.27
N GLY B 24 19.92 41.26 11.21
CA GLY B 24 19.58 40.59 9.96
C GLY B 24 18.09 40.24 10.08
N PRO B 25 17.50 39.57 9.10
CA PRO B 25 16.07 39.19 9.12
C PRO B 25 15.59 38.52 10.41
N ALA B 26 16.40 37.62 10.97
CA ALA B 26 16.03 36.95 12.20
C ALA B 26 15.85 37.98 13.31
N ALA B 27 16.77 38.94 13.36
CA ALA B 27 16.76 40.02 14.35
C ALA B 27 15.52 40.89 14.21
N TYR B 28 15.22 41.36 12.98
CA TYR B 28 14.02 42.17 12.75
C TYR B 28 12.78 41.34 13.13
N GLY B 29 12.78 40.08 12.74
CA GLY B 29 11.68 39.17 13.02
C GLY B 29 11.41 39.09 14.51
N ALA B 30 12.47 38.90 15.31
CA ALA B 30 12.34 38.83 16.74
C ALA B 30 11.93 40.19 17.32
N ALA B 31 12.51 41.26 16.76
CA ALA B 31 12.19 42.60 17.24
C ALA B 31 10.70 42.89 17.06
N LEU B 32 10.16 42.61 15.88
CA LEU B 32 8.75 42.88 15.66
C LEU B 32 7.87 42.18 16.70
N TYR B 33 8.10 40.88 16.93
CA TYR B 33 7.28 40.19 17.92
C TYR B 33 7.53 40.63 19.37
N SER B 34 8.79 40.88 19.74
CA SER B 34 9.11 41.33 21.09
C SER B 34 8.42 42.66 21.38
N ALA B 35 8.45 43.57 20.41
CA ALA B 35 7.80 44.87 20.63
C ALA B 35 6.28 44.71 20.72
N ARG B 36 5.72 43.82 19.89
CA ARG B 36 4.28 43.60 19.92
C ARG B 36 3.81 42.91 21.21
N TYR B 37 4.71 42.22 21.89
CA TYR B 37 4.35 41.60 23.17
C TYR B 37 4.55 42.63 24.32
N MET B 38 4.94 43.84 23.96
CA MET B 38 5.22 44.92 24.90
C MET B 38 6.41 44.67 25.82
N LEU B 39 7.39 43.91 25.34
CA LEU B 39 8.58 43.72 26.16
C LEU B 39 9.42 44.95 25.83
N LYS B 40 10.11 45.50 26.83
CA LYS B 40 10.97 46.66 26.58
C LYS B 40 12.13 46.09 25.73
N THR B 41 12.26 46.51 24.47
CA THR B 41 13.26 45.90 23.61
C THR B 41 14.40 46.73 23.04
N LEU B 42 15.56 46.09 22.92
CA LEU B 42 16.72 46.75 22.37
C LEU B 42 17.44 45.85 21.36
N VAL B 43 17.65 46.37 20.17
CA VAL B 43 18.38 45.64 19.14
C VAL B 43 19.81 46.21 19.02
N ILE B 44 20.82 45.35 19.12
CA ILE B 44 22.21 45.77 18.96
C ILE B 44 22.80 44.90 17.86
N GLY B 45 23.15 45.51 16.74
CA GLY B 45 23.72 44.76 15.63
C GLY B 45 24.61 45.65 14.79
N GLU B 46 25.53 45.03 14.05
CA GLU B 46 26.49 45.77 13.22
C GLU B 46 25.98 46.17 11.85
N THR B 47 25.55 45.20 11.06
CA THR B 47 25.10 45.49 9.70
C THR B 47 23.60 45.38 9.48
N PRO B 48 22.93 46.53 9.30
CA PRO B 48 21.50 46.52 9.06
C PRO B 48 21.21 45.65 7.83
N GLY B 49 20.28 44.70 7.99
CA GLY B 49 19.92 43.83 6.89
C GLY B 49 20.75 42.55 6.83
N GLY B 50 21.86 42.53 7.57
CA GLY B 50 22.73 41.35 7.55
C GLY B 50 23.08 41.00 6.11
N GLN B 51 22.97 39.72 5.76
CA GLN B 51 23.28 39.24 4.42
C GLN B 51 22.45 39.88 3.32
N LEU B 52 21.30 40.47 3.64
CA LEU B 52 20.51 41.10 2.58
C LEU B 52 21.33 42.22 1.89
N THR B 53 22.41 42.67 2.54
CA THR B 53 23.22 43.71 1.93
C THR B 53 23.91 43.22 0.65
N GLU B 54 24.13 41.90 0.54
CA GLU B 54 24.79 41.33 -0.63
C GLU B 54 23.85 40.63 -1.60
N ALA B 55 22.56 40.83 -1.41
CA ALA B 55 21.59 40.20 -2.28
C ALA B 55 21.18 41.23 -3.32
N GLY B 56 20.58 40.76 -4.40
CA GLY B 56 20.12 41.66 -5.46
C GLY B 56 18.62 41.83 -5.45
N ILE B 57 17.91 40.87 -6.03
CA ILE B 57 16.46 40.91 -6.07
C ILE B 57 15.97 39.74 -5.21
N VAL B 58 15.02 39.97 -4.32
CA VAL B 58 14.47 38.90 -3.49
C VAL B 58 13.04 38.61 -3.90
N ASP B 59 12.80 37.38 -4.33
CA ASP B 59 11.47 37.00 -4.77
C ASP B 59 10.99 35.73 -4.10
N ASP B 60 11.60 35.37 -2.97
CA ASP B 60 11.23 34.15 -2.24
C ASP B 60 10.56 34.46 -0.88
N TYR B 61 10.32 35.75 -0.60
CA TYR B 61 9.65 36.14 0.65
C TYR B 61 8.23 36.51 0.23
N LEU B 62 7.29 35.61 0.51
CA LEU B 62 5.89 35.78 0.13
C LEU B 62 5.27 37.14 0.47
N GLY B 63 4.69 37.82 -0.52
CA GLY B 63 4.08 39.12 -0.24
C GLY B 63 4.90 40.34 -0.66
N LEU B 64 6.22 40.15 -0.76
CA LEU B 64 7.15 41.19 -1.20
C LEU B 64 7.72 40.71 -2.56
N ILE B 65 6.95 40.96 -3.61
CA ILE B 65 7.26 40.53 -4.96
C ILE B 65 8.44 41.21 -5.63
N GLU B 66 9.38 40.38 -6.09
CA GLU B 66 10.56 40.87 -6.79
C GLU B 66 11.01 42.19 -6.21
N ILE B 67 11.30 42.17 -4.92
CA ILE B 67 11.72 43.37 -4.21
C ILE B 67 13.24 43.44 -4.17
N GLN B 68 13.77 44.65 -4.29
CA GLN B 68 15.22 44.87 -4.22
C GLN B 68 15.59 44.62 -2.76
N ALA B 69 16.71 43.92 -2.54
CA ALA B 69 17.15 43.61 -1.19
C ALA B 69 17.30 44.88 -0.37
N SER B 70 17.71 45.95 -1.03
CA SER B 70 17.88 47.22 -0.37
C SER B 70 16.53 47.73 0.12
N ASP B 71 15.49 47.52 -0.69
CA ASP B 71 14.16 47.95 -0.31
C ASP B 71 13.58 47.07 0.80
N MET B 72 13.93 45.77 0.74
CA MET B 72 13.47 44.85 1.78
C MET B 72 14.04 45.31 3.13
N ILE B 73 15.33 45.67 3.14
CA ILE B 73 15.94 46.13 4.38
C ILE B 73 15.22 47.40 4.88
N LYS B 74 14.95 48.32 3.95
CA LYS B 74 14.25 49.57 4.28
C LYS B 74 12.91 49.29 4.96
N VAL B 75 12.12 48.42 4.38
CA VAL B 75 10.80 48.19 4.95
C VAL B 75 10.81 47.36 6.24
N PHE B 76 11.84 46.51 6.43
CA PHE B 76 11.93 45.70 7.65
C PHE B 76 12.25 46.65 8.80
N ASN B 77 13.15 47.58 8.52
CA ASN B 77 13.55 48.51 9.58
C ASN B 77 12.41 49.46 9.94
N LYS B 78 11.69 49.92 8.92
CA LYS B 78 10.57 50.84 9.11
C LYS B 78 9.45 50.14 9.90
N HIS B 79 9.34 48.83 9.71
CA HIS B 79 8.30 48.10 10.39
C HIS B 79 8.59 48.06 11.87
N ILE B 80 9.82 47.74 12.25
CA ILE B 80 10.10 47.70 13.67
C ILE B 80 10.16 49.10 14.27
N GLU B 81 10.50 50.09 13.45
CA GLU B 81 10.59 51.46 13.92
C GLU B 81 9.18 52.03 14.15
N LYS B 82 8.18 51.36 13.61
CA LYS B 82 6.82 51.82 13.84
C LYS B 82 6.53 51.51 15.31
N TYR B 83 7.18 50.49 15.86
CA TYR B 83 7.01 50.12 17.27
C TYR B 83 8.07 50.80 18.12
N GLU B 84 8.85 51.68 17.51
CA GLU B 84 9.90 52.46 18.19
C GLU B 84 10.95 51.63 18.94
N VAL B 85 11.41 50.55 18.32
CA VAL B 85 12.42 49.73 18.97
C VAL B 85 13.78 50.41 18.78
N PRO B 86 14.49 50.62 19.87
CA PRO B 86 15.80 51.26 19.73
C PRO B 86 16.79 50.26 19.13
N VAL B 87 17.54 50.75 18.15
CA VAL B 87 18.54 49.98 17.41
C VAL B 87 19.93 50.60 17.56
N LEU B 88 20.86 49.86 18.18
CA LEU B 88 22.23 50.32 18.32
C LEU B 88 23.08 49.60 17.26
N LEU B 89 23.81 50.38 16.48
CA LEU B 89 24.66 49.84 15.43
C LEU B 89 26.05 49.64 16.01
N ASP B 90 26.34 48.43 16.48
CA ASP B 90 27.63 48.09 17.08
C ASP B 90 27.80 46.57 17.20
N ILE B 91 28.91 46.13 17.77
CA ILE B 91 29.16 44.71 17.95
C ILE B 91 29.02 44.28 19.41
N VAL B 92 28.33 43.18 19.65
CA VAL B 92 28.19 42.68 21.00
C VAL B 92 29.45 41.87 21.24
N GLU B 93 30.16 42.18 22.33
CA GLU B 93 31.42 41.52 22.66
C GLU B 93 31.26 40.32 23.57
N LYS B 94 30.29 40.37 24.47
CA LYS B 94 30.13 39.28 25.40
C LYS B 94 28.75 39.35 26.00
N ILE B 95 28.29 38.23 26.52
CA ILE B 95 26.98 38.13 27.16
C ILE B 95 27.23 37.47 28.51
N GLU B 96 27.21 38.28 29.56
CA GLU B 96 27.49 37.80 30.90
C GLU B 96 26.25 37.39 31.71
N ASN B 97 26.33 36.21 32.31
CA ASN B 97 25.24 35.65 33.12
C ASN B 97 25.31 36.23 34.54
N ARG B 98 24.20 36.19 35.27
CA ARG B 98 24.18 36.74 36.63
C ARG B 98 23.04 36.19 37.49
N ASP B 100 20.41 35.60 37.24
CA ASP B 100 19.68 36.72 37.83
C ASP B 100 19.25 37.69 36.73
N GLU B 101 20.22 38.19 35.98
CA GLU B 101 19.95 39.10 34.87
C GLU B 101 21.17 39.04 33.95
N PHE B 102 20.99 39.41 32.68
CA PHE B 102 22.09 39.36 31.73
C PHE B 102 22.78 40.70 31.53
N VAL B 103 24.09 40.67 31.38
CA VAL B 103 24.86 41.88 31.10
C VAL B 103 25.47 41.69 29.72
N VAL B 104 25.18 42.60 28.80
CA VAL B 104 25.65 42.51 27.44
C VAL B 104 26.58 43.67 27.10
N LYS B 105 27.84 43.33 26.82
CA LYS B 105 28.86 44.33 26.48
C LYS B 105 29.05 44.52 24.98
N THR B 106 29.12 45.78 24.55
CA THR B 106 29.32 46.09 23.15
C THR B 106 30.74 46.56 22.92
N LYS B 107 31.11 46.72 21.65
CA LYS B 107 32.46 47.15 21.27
C LYS B 107 32.72 48.62 21.59
N ARG B 108 31.67 49.39 21.81
CA ARG B 108 31.83 50.82 22.11
C ARG B 108 30.77 51.29 23.09
N LYS B 109 29.54 51.36 22.59
CA LYS B 109 28.39 51.83 23.35
C LYS B 109 28.26 51.40 24.81
N GLY B 110 29.07 50.46 25.27
CA GLY B 110 29.00 50.05 26.66
C GLY B 110 28.30 48.75 26.99
N GLU B 111 27.70 48.71 28.18
CA GLU B 111 26.98 47.54 28.68
C GLU B 111 25.51 47.84 28.90
N PHE B 112 24.68 46.81 28.72
CA PHE B 112 23.25 46.94 28.92
C PHE B 112 22.81 45.68 29.65
N LYS B 113 21.71 45.78 30.38
CA LYS B 113 21.18 44.63 31.12
C LYS B 113 19.89 44.16 30.46
N ALA B 114 19.56 42.89 30.65
CA ALA B 114 18.33 42.31 30.07
C ALA B 114 17.90 41.05 30.80
N ASP B 115 16.61 40.75 30.80
CA ASP B 115 16.16 39.53 31.45
C ASP B 115 16.25 38.33 30.52
N SER B 116 16.38 38.63 29.25
CA SER B 116 16.51 37.58 28.23
C SER B 116 17.31 38.14 27.08
N VAL B 117 17.89 37.23 26.29
CA VAL B 117 18.68 37.58 25.13
C VAL B 117 18.28 36.74 23.92
N ILE B 118 18.23 37.34 22.74
CA ILE B 118 17.94 36.57 21.53
C ILE B 118 19.10 36.76 20.53
N LEU B 119 19.74 35.66 20.16
CA LEU B 119 20.87 35.72 19.23
C LEU B 119 20.44 35.49 17.78
N GLY B 120 20.67 36.48 16.93
CA GLY B 120 20.37 36.37 15.52
C GLY B 120 21.64 36.84 14.84
N ILE B 121 22.74 36.18 15.18
CA ILE B 121 24.05 36.59 14.65
C ILE B 121 24.45 36.03 13.29
N GLY B 122 23.61 35.16 12.73
CA GLY B 122 23.93 34.63 11.41
C GLY B 122 25.20 33.81 11.31
N VAL B 123 25.66 33.57 10.08
CA VAL B 123 26.88 32.81 9.85
C VAL B 123 27.68 33.53 8.79
N LYS B 124 28.98 33.25 8.73
CA LYS B 124 29.84 33.87 7.72
C LYS B 124 29.89 32.92 6.53
N ARG B 125 29.67 33.46 5.35
CA ARG B 125 29.70 32.65 4.14
C ARG B 125 31.18 32.48 3.79
N ARG B 126 31.58 31.30 3.36
CA ARG B 126 32.97 31.06 2.97
C ARG B 126 33.15 31.57 1.54
N LYS B 127 34.19 32.37 1.34
CA LYS B 127 34.51 32.96 0.02
C LYS B 127 35.71 32.25 -0.63
N LEU B 128 35.78 32.26 -1.95
CA LEU B 128 36.90 31.60 -2.64
C LEU B 128 38.20 32.36 -2.42
N GLY B 129 38.09 33.68 -2.40
CA GLY B 129 39.28 34.48 -2.22
C GLY B 129 40.12 34.48 -3.49
N VAL B 130 39.49 34.80 -4.63
CA VAL B 130 40.17 34.86 -5.91
C VAL B 130 39.82 36.16 -6.63
N PRO B 131 40.68 36.60 -7.56
CA PRO B 131 40.38 37.85 -8.29
C PRO B 131 39.07 37.82 -9.09
N GLY B 132 38.34 38.94 -9.04
CA GLY B 132 37.07 39.05 -9.72
C GLY B 132 35.91 38.75 -8.77
N GLU B 133 36.23 38.10 -7.65
CA GLU B 133 35.19 37.73 -6.69
C GLU B 133 34.42 38.91 -6.12
N GLN B 134 35.11 39.91 -5.58
CA GLN B 134 34.36 41.07 -5.06
C GLN B 134 33.94 41.94 -6.24
N GLU B 135 34.85 42.10 -7.20
CA GLU B 135 34.53 42.90 -8.38
C GLU B 135 33.15 42.59 -8.91
N PHE B 136 32.87 41.31 -9.14
CA PHE B 136 31.58 40.95 -9.71
C PHE B 136 30.49 40.42 -8.77
N ALA B 137 30.63 40.66 -7.47
CA ALA B 137 29.61 40.23 -6.54
C ALA B 137 28.34 40.97 -6.95
N GLY B 138 27.22 40.26 -7.05
CA GLY B 138 25.98 40.90 -7.44
C GLY B 138 25.99 41.38 -8.88
N ARG B 139 26.94 40.86 -9.68
CA ARG B 139 27.03 41.22 -11.10
C ARG B 139 27.34 39.94 -11.87
N GLY B 140 26.74 38.85 -11.43
CA GLY B 140 26.94 37.58 -12.10
C GLY B 140 27.39 36.55 -11.08
N ILE B 141 27.67 37.00 -9.87
CA ILE B 141 28.10 36.11 -8.80
C ILE B 141 27.04 36.04 -7.72
N SER B 142 26.69 34.83 -7.31
CA SER B 142 25.71 34.62 -6.25
C SER B 142 26.23 33.55 -5.30
N TYR B 143 25.72 33.60 -4.07
CA TYR B 143 26.06 32.64 -3.03
C TYR B 143 24.82 31.86 -2.67
N CYS B 144 23.76 31.98 -3.46
CA CYS B 144 22.54 31.25 -3.16
C CYS B 144 21.83 30.76 -4.43
N SER B 145 21.97 29.47 -4.68
CA SER B 145 21.37 28.83 -5.85
C SER B 145 19.84 28.84 -5.79
N VAL B 146 19.31 28.44 -4.63
CA VAL B 146 17.87 28.41 -4.45
C VAL B 146 17.28 29.82 -4.66
N CYS B 147 17.99 30.83 -4.16
CA CYS B 147 17.51 32.18 -4.31
C CYS B 147 17.56 32.80 -5.72
N ASP B 148 18.73 32.70 -6.37
CA ASP B 148 18.96 33.32 -7.68
C ASP B 148 18.86 32.49 -8.96
N ALA B 149 18.67 31.17 -8.82
CA ALA B 149 18.56 30.32 -9.99
C ALA B 149 17.57 30.80 -11.06
N PRO B 150 16.35 31.22 -10.64
CA PRO B 150 15.33 31.69 -11.60
C PRO B 150 15.82 32.84 -12.48
N LEU B 151 16.80 33.58 -11.99
CA LEU B 151 17.38 34.70 -12.70
C LEU B 151 18.31 34.27 -13.84
N PHE B 152 18.55 32.97 -13.98
CA PHE B 152 19.46 32.50 -15.01
C PHE B 152 18.88 31.56 -16.04
N LYS B 153 17.58 31.70 -16.29
CA LYS B 153 16.91 30.87 -17.29
C LYS B 153 17.61 31.03 -18.64
N ASN B 154 17.86 29.90 -19.32
CA ASN B 154 18.51 29.90 -20.63
C ASN B 154 19.88 30.61 -20.71
N ARG B 155 20.62 30.59 -19.61
CA ARG B 155 21.94 31.19 -19.59
C ARG B 155 22.93 30.07 -19.22
N VAL B 156 24.22 30.38 -19.22
CA VAL B 156 25.23 29.38 -18.86
C VAL B 156 25.80 29.76 -17.50
N VAL B 157 25.93 28.78 -16.61
CA VAL B 157 26.44 29.05 -15.27
C VAL B 157 27.37 27.98 -14.75
N ALA B 158 28.13 28.36 -13.72
CA ALA B 158 29.02 27.42 -13.05
C ALA B 158 28.68 27.39 -11.56
N VAL B 159 28.71 26.20 -10.96
CA VAL B 159 28.46 26.10 -9.51
C VAL B 159 29.78 25.58 -8.93
N ILE B 160 30.22 26.18 -7.85
CA ILE B 160 31.47 25.81 -7.20
C ILE B 160 31.34 25.18 -5.80
N GLY B 161 31.82 23.95 -5.69
CA GLY B 161 31.78 23.25 -4.42
C GLY B 161 31.40 21.80 -4.63
N GLY B 162 31.48 20.98 -3.59
CA GLY B 162 31.14 19.59 -3.75
C GLY B 162 30.28 19.03 -2.63
N GLY B 163 29.58 19.92 -1.93
CA GLY B 163 28.71 19.47 -0.84
C GLY B 163 27.24 19.47 -1.22
N ASP B 164 26.36 19.27 -0.24
CA ASP B 164 24.93 19.27 -0.50
C ASP B 164 24.40 20.56 -1.12
N SER B 165 24.92 21.72 -0.74
CA SER B 165 24.33 22.90 -1.36
C SER B 165 24.83 23.09 -2.80
N ALA B 166 26.02 22.60 -3.09
CA ALA B 166 26.53 22.78 -4.47
C ALA B 166 25.77 21.82 -5.37
N LEU B 167 25.59 20.58 -4.90
CA LEU B 167 24.87 19.58 -5.67
C LEU B 167 23.40 20.00 -5.83
N GLU B 168 22.72 20.35 -4.74
CA GLU B 168 21.33 20.82 -4.87
C GLU B 168 21.31 22.12 -5.73
N GLY B 169 22.33 22.95 -5.62
CA GLY B 169 22.34 24.15 -6.46
C GLY B 169 22.38 23.76 -7.94
N ALA B 170 23.29 22.86 -8.29
CA ALA B 170 23.40 22.44 -9.68
C ALA B 170 22.07 21.82 -10.14
N GLU B 171 21.43 21.02 -9.30
CA GLU B 171 20.15 20.38 -9.66
C GLU B 171 19.08 21.42 -9.96
N ILE B 172 18.99 22.45 -9.13
CA ILE B 172 18.01 23.51 -9.36
C ILE B 172 18.40 24.32 -10.61
N LEU B 173 19.68 24.68 -10.73
CA LEU B 173 20.12 25.45 -11.89
C LEU B 173 19.92 24.68 -13.20
N SER B 174 20.03 23.36 -13.15
CA SER B 174 19.82 22.52 -14.33
C SER B 174 18.39 22.63 -14.91
N SER B 175 17.41 23.01 -14.07
CA SER B 175 16.03 23.19 -14.51
C SER B 175 15.81 24.58 -15.10
N TYR B 176 16.80 25.46 -15.00
CA TYR B 176 16.70 26.81 -15.53
C TYR B 176 17.70 27.14 -16.62
N SER B 177 18.98 26.85 -16.34
CA SER B 177 20.05 27.18 -17.26
C SER B 177 20.26 26.24 -18.43
N THR B 178 20.85 26.80 -19.49
CA THR B 178 21.15 26.03 -20.68
C THR B 178 22.24 25.05 -20.33
N LYS B 179 23.23 25.52 -19.60
CA LYS B 179 24.32 24.62 -19.22
C LYS B 179 24.85 24.98 -17.85
N VAL B 180 25.17 23.93 -17.09
CA VAL B 180 25.70 24.06 -15.74
C VAL B 180 27.01 23.30 -15.53
N TYR B 181 28.07 24.02 -15.16
CA TYR B 181 29.37 23.43 -14.86
C TYR B 181 29.46 23.22 -13.35
N LEU B 182 29.68 22.00 -12.90
CA LEU B 182 29.82 21.76 -11.48
C LEU B 182 31.34 21.70 -11.29
N ILE B 183 31.91 22.72 -10.67
CA ILE B 183 33.37 22.81 -10.45
C ILE B 183 33.69 22.43 -9.01
N HIS B 184 34.44 21.34 -8.82
CA HIS B 184 34.79 20.91 -7.48
C HIS B 184 36.27 20.47 -7.47
N ARG B 185 36.96 20.84 -6.40
CA ARG B 185 38.39 20.57 -6.27
C ARG B 185 38.83 19.13 -5.98
N ARG B 186 37.91 18.23 -5.66
CA ARG B 186 38.28 16.85 -5.38
C ARG B 186 37.72 15.93 -6.45
N ASP B 187 38.11 14.67 -6.33
CA ASP B 187 37.70 13.59 -7.22
C ASP B 187 36.35 13.09 -6.71
N THR B 188 36.16 13.25 -5.41
CA THR B 188 34.95 12.81 -4.74
C THR B 188 34.09 13.98 -4.25
N PHE B 189 32.90 13.67 -3.76
CA PHE B 189 31.94 14.66 -3.26
C PHE B 189 31.49 14.28 -1.84
N LYS B 190 31.34 15.26 -0.94
CA LYS B 190 30.85 14.93 0.39
C LYS B 190 29.32 15.04 0.39
N ALA B 191 28.76 15.54 -0.69
CA ALA B 191 27.32 15.65 -0.79
C ALA B 191 26.72 14.24 -0.83
N GLN B 192 25.46 14.13 -0.41
CA GLN B 192 24.78 12.84 -0.38
C GLN B 192 24.83 12.16 -1.74
N PRO B 193 25.29 10.91 -1.77
CA PRO B 193 25.40 10.13 -3.01
C PRO B 193 24.18 10.27 -3.90
N ILE B 194 23.00 10.35 -3.28
CA ILE B 194 21.76 10.48 -4.02
C ILE B 194 21.77 11.70 -4.96
N TYR B 195 22.24 12.84 -4.45
CA TYR B 195 22.30 14.06 -5.24
C TYR B 195 23.31 13.94 -6.38
N VAL B 196 24.44 13.30 -6.07
CA VAL B 196 25.48 13.12 -7.07
C VAL B 196 24.93 12.32 -8.25
N GLU B 197 24.36 11.15 -7.96
CA GLU B 197 23.78 10.29 -9.00
C GLU B 197 22.75 11.10 -9.78
N THR B 198 21.87 11.79 -9.05
CA THR B 198 20.81 12.60 -9.66
C THR B 198 21.31 13.62 -10.69
N VAL B 199 22.25 14.46 -10.27
CA VAL B 199 22.81 15.52 -11.12
C VAL B 199 23.68 15.01 -12.29
N LYS B 200 24.43 13.94 -12.05
CA LYS B 200 25.27 13.36 -13.09
C LYS B 200 24.39 13.02 -14.31
N LYS B 201 23.22 12.45 -14.02
CA LYS B 201 22.26 12.05 -15.05
C LYS B 201 21.66 13.20 -15.87
N LYS B 202 21.89 14.44 -15.42
CA LYS B 202 21.34 15.60 -16.13
C LYS B 202 22.13 15.83 -17.39
N PRO B 203 21.43 15.98 -18.53
CA PRO B 203 22.10 16.21 -19.82
C PRO B 203 22.78 17.58 -19.98
N ASN B 204 22.37 18.57 -19.20
CA ASN B 204 22.96 19.91 -19.33
C ASN B 204 23.92 20.26 -18.18
N VAL B 205 24.35 19.25 -17.44
CA VAL B 205 25.28 19.44 -16.36
C VAL B 205 26.61 18.77 -16.70
N GLU B 206 27.71 19.51 -16.59
CA GLU B 206 29.02 18.94 -16.87
C GLU B 206 29.90 19.06 -15.64
N PHE B 207 30.39 17.94 -15.16
CA PHE B 207 31.25 17.89 -13.98
C PHE B 207 32.67 18.30 -14.34
N VAL B 208 33.27 19.19 -13.56
CA VAL B 208 34.65 19.61 -13.81
C VAL B 208 35.41 19.37 -12.51
N LEU B 209 35.81 18.12 -12.32
CA LEU B 209 36.48 17.70 -11.10
C LEU B 209 37.96 18.03 -10.97
N ASN B 210 38.50 17.80 -9.77
CA ASN B 210 39.90 18.09 -9.46
C ASN B 210 40.26 19.50 -9.87
N SER B 211 39.28 20.41 -9.84
CA SER B 211 39.54 21.78 -10.29
C SER B 211 39.15 22.88 -9.34
N VAL B 212 39.83 24.02 -9.48
CA VAL B 212 39.54 25.18 -8.66
C VAL B 212 39.44 26.38 -9.56
N VAL B 213 38.73 27.39 -9.11
CA VAL B 213 38.60 28.63 -9.85
C VAL B 213 39.82 29.42 -9.47
N LYS B 214 40.40 30.09 -10.45
CA LYS B 214 41.60 30.90 -10.22
C LYS B 214 41.21 32.35 -10.34
N GLU B 215 40.24 32.59 -11.20
CA GLU B 215 39.80 33.95 -11.47
C GLU B 215 38.43 33.98 -12.14
N ILE B 216 37.72 35.07 -11.89
CA ILE B 216 36.40 35.31 -12.47
C ILE B 216 36.57 36.62 -13.25
N LYS B 217 36.35 36.56 -14.57
CA LYS B 217 36.49 37.73 -15.44
C LYS B 217 35.16 38.15 -16.10
N GLY B 218 35.18 39.35 -16.66
CA GLY B 218 34.01 39.89 -17.32
C GLY B 218 34.22 41.35 -17.65
N ASP B 219 33.16 41.98 -18.15
CA ASP B 219 33.20 43.38 -18.52
C ASP B 219 32.37 44.12 -17.47
N LYS B 220 31.10 44.38 -17.77
CA LYS B 220 30.26 45.05 -16.78
C LYS B 220 29.73 43.98 -15.84
N VAL B 221 29.69 42.75 -16.36
CA VAL B 221 29.25 41.59 -15.60
C VAL B 221 30.15 40.39 -15.90
N VAL B 222 29.90 39.29 -15.20
CA VAL B 222 30.69 38.07 -15.38
C VAL B 222 30.60 37.51 -16.81
N LYS B 223 31.74 37.11 -17.39
CA LYS B 223 31.74 36.52 -18.72
C LYS B 223 32.50 35.18 -18.80
N GLN B 224 33.40 34.96 -17.85
CA GLN B 224 34.19 33.74 -17.82
C GLN B 224 34.72 33.36 -16.46
N VAL B 225 34.99 32.07 -16.29
CA VAL B 225 35.60 31.60 -15.08
C VAL B 225 36.89 30.93 -15.54
N VAL B 226 37.98 31.27 -14.87
CA VAL B 226 39.24 30.63 -15.23
C VAL B 226 39.42 29.52 -14.21
N VAL B 227 39.65 28.32 -14.72
CA VAL B 227 39.80 27.14 -13.87
C VAL B 227 41.16 26.47 -14.03
N GLU B 228 41.64 25.81 -12.96
CA GLU B 228 42.90 25.08 -12.97
C GLU B 228 42.66 23.65 -12.52
N ASN B 229 43.09 22.70 -13.33
CA ASN B 229 42.95 21.31 -12.96
C ASN B 229 44.14 21.11 -12.03
N LEU B 230 43.86 20.72 -10.78
CA LEU B 230 44.91 20.54 -9.78
C LEU B 230 45.79 19.32 -9.99
N LYS B 231 45.44 18.47 -10.94
CA LYS B 231 46.25 17.30 -11.21
C LYS B 231 47.17 17.66 -12.37
N THR B 232 46.54 17.94 -13.52
CA THR B 232 47.27 18.27 -14.74
C THR B 232 47.80 19.70 -14.80
N GLY B 233 47.65 20.47 -13.73
CA GLY B 233 48.14 21.84 -13.75
C GLY B 233 47.52 22.72 -14.83
N GLU B 234 46.76 22.09 -15.71
CA GLU B 234 46.12 22.77 -16.83
C GLU B 234 45.11 23.87 -16.48
N ILE B 235 45.27 25.01 -17.15
CA ILE B 235 44.38 26.14 -16.97
C ILE B 235 43.47 26.28 -18.19
N LYS B 236 42.16 26.47 -17.97
CA LYS B 236 41.23 26.65 -19.08
C LYS B 236 40.15 27.66 -18.70
N GLU B 237 39.59 28.32 -19.71
CA GLU B 237 38.55 29.31 -19.49
C GLU B 237 37.20 28.83 -20.01
N LEU B 238 36.18 28.97 -19.16
CA LEU B 238 34.81 28.60 -19.50
C LEU B 238 33.95 29.87 -19.55
N ASN B 239 33.20 30.03 -20.64
CA ASN B 239 32.32 31.18 -20.78
C ASN B 239 31.06 30.91 -19.96
N VAL B 240 30.79 31.78 -18.99
CA VAL B 240 29.61 31.61 -18.16
C VAL B 240 28.97 32.96 -17.90
N ASN B 241 27.67 32.94 -17.67
CA ASN B 241 26.92 34.16 -17.39
C ASN B 241 26.86 34.36 -15.88
N GLY B 242 27.06 33.26 -15.14
CA GLY B 242 27.00 33.39 -13.70
C GLY B 242 27.80 32.35 -12.96
N VAL B 243 28.22 32.73 -11.76
CA VAL B 243 28.99 31.82 -10.94
C VAL B 243 28.34 31.74 -9.57
N PHE B 244 27.95 30.53 -9.19
CA PHE B 244 27.34 30.27 -7.90
C PHE B 244 28.35 29.62 -6.97
N ILE B 245 28.75 30.34 -5.93
CA ILE B 245 29.71 29.83 -4.96
C ILE B 245 28.97 29.16 -3.81
N GLU B 246 29.09 27.84 -3.73
CA GLU B 246 28.42 27.06 -2.70
C GLU B 246 29.45 26.23 -1.93
N ILE B 247 30.37 26.91 -1.26
CA ILE B 247 31.44 26.22 -0.54
C ILE B 247 31.27 26.19 0.99
N GLY B 248 30.05 26.39 1.45
CA GLY B 248 29.84 26.31 2.89
C GLY B 248 29.83 27.60 3.67
N PHE B 249 29.77 27.43 4.99
CA PHE B 249 29.68 28.53 5.91
C PHE B 249 30.50 28.24 7.15
N ASP B 250 30.77 29.31 7.90
CA ASP B 250 31.49 29.18 9.16
C ASP B 250 30.50 29.54 10.26
N PRO B 251 30.05 28.56 11.04
CA PRO B 251 29.10 28.89 12.11
C PRO B 251 29.77 29.75 13.17
N PRO B 252 28.99 30.34 14.07
CA PRO B 252 29.69 31.15 15.08
C PRO B 252 30.05 30.29 16.27
N THR B 253 30.75 29.19 16.04
CA THR B 253 31.10 28.32 17.14
C THR B 253 31.94 29.02 18.23
N ASP B 254 32.84 29.92 17.85
CA ASP B 254 33.66 30.65 18.84
C ASP B 254 32.81 31.59 19.73
N PHE B 255 31.85 32.29 19.16
CA PHE B 255 31.03 33.18 19.99
C PHE B 255 30.23 32.34 20.99
N ALA B 256 29.69 31.22 20.52
CA ALA B 256 28.88 30.31 21.32
C ALA B 256 29.69 29.77 22.47
N LYS B 257 30.83 29.19 22.15
CA LYS B 257 31.71 28.62 23.16
C LYS B 257 32.18 29.71 24.12
N SER B 258 32.47 30.88 23.59
CA SER B 258 32.94 31.98 24.40
C SER B 258 31.90 32.50 25.38
N ASN B 259 30.63 32.19 25.14
CA ASN B 259 29.57 32.66 26.03
C ASN B 259 28.83 31.51 26.72
N GLY B 260 29.45 30.34 26.77
CA GLY B 260 28.83 29.21 27.43
C GLY B 260 27.58 28.63 26.75
N ILE B 261 27.49 28.79 25.44
CA ILE B 261 26.33 28.28 24.69
C ILE B 261 26.65 27.01 23.90
N GLU B 262 25.89 25.95 24.16
CA GLU B 262 26.09 24.69 23.46
C GLU B 262 25.81 24.77 21.97
N THR B 263 26.66 24.10 21.21
CA THR B 263 26.57 24.06 19.77
C THR B 263 26.30 22.59 19.39
N ASP B 264 25.71 22.36 18.20
CA ASP B 264 25.40 20.99 17.77
C ASP B 264 26.62 20.34 17.16
N THR B 265 26.45 19.17 16.55
CA THR B 265 27.60 18.48 15.99
C THR B 265 28.19 19.18 14.77
N ASN B 266 27.55 20.25 14.33
CA ASN B 266 28.03 20.98 13.17
C ASN B 266 28.65 22.31 13.55
N GLY B 267 28.53 22.69 14.82
CA GLY B 267 29.09 23.93 15.28
C GLY B 267 28.10 25.09 15.38
N TYR B 268 26.84 24.81 15.08
CA TYR B 268 25.81 25.84 15.14
C TYR B 268 25.23 25.96 16.56
N ILE B 269 24.57 27.07 16.86
CA ILE B 269 23.98 27.22 18.18
C ILE B 269 22.85 26.23 18.32
N LYS B 270 22.96 25.38 19.34
CA LYS B 270 21.96 24.37 19.55
C LYS B 270 20.64 24.88 20.12
N VAL B 271 19.56 24.67 19.39
CA VAL B 271 18.24 25.09 19.85
C VAL B 271 17.19 23.97 19.80
N ASP B 272 16.16 24.11 20.60
CA ASP B 272 15.08 23.12 20.52
C ASP B 272 14.02 23.68 19.58
N GLU B 273 12.85 23.05 19.54
CA GLU B 273 11.79 23.51 18.66
C GLU B 273 11.41 24.97 18.86
N TRP B 274 11.34 25.40 20.11
CA TRP B 274 10.97 26.79 20.39
C TRP B 274 12.12 27.78 20.50
N MET B 275 13.22 27.48 19.80
CA MET B 275 14.36 28.35 19.73
C MET B 275 15.12 28.64 21.03
N ARG B 276 15.03 27.71 21.99
CA ARG B 276 15.73 27.84 23.26
C ARG B 276 17.13 27.26 23.15
N THR B 277 18.13 28.00 23.66
CA THR B 277 19.51 27.52 23.66
C THR B 277 19.72 26.80 24.98
N SER B 278 20.93 26.30 25.20
CA SER B 278 21.24 25.60 26.44
C SER B 278 21.22 26.54 27.66
N VAL B 279 21.35 27.84 27.43
CA VAL B 279 21.31 28.77 28.57
C VAL B 279 19.92 29.33 28.80
N PRO B 280 19.31 28.99 29.96
CA PRO B 280 17.97 29.47 30.30
C PRO B 280 17.94 30.98 30.08
N GLY B 281 16.89 31.47 29.40
CA GLY B 281 16.81 32.90 29.14
C GLY B 281 17.52 33.39 27.89
N VAL B 282 18.24 32.50 27.21
CA VAL B 282 18.92 32.91 25.98
C VAL B 282 18.27 32.11 24.85
N PHE B 283 17.84 32.79 23.79
CA PHE B 283 17.19 32.15 22.67
C PHE B 283 17.97 32.49 21.40
N ALA B 284 17.72 31.79 20.30
CA ALA B 284 18.46 32.11 19.08
C ALA B 284 17.57 31.87 17.85
N ALA B 285 17.81 32.62 16.77
CA ALA B 285 17.03 32.55 15.55
C ALA B 285 17.87 32.73 14.27
N GLY B 286 17.40 32.19 13.15
CA GLY B 286 18.10 32.36 11.89
C GLY B 286 19.24 31.39 11.62
N ASP B 287 20.10 31.75 10.66
CA ASP B 287 21.26 30.94 10.22
C ASP B 287 22.21 30.46 11.32
N CYS B 288 22.30 31.19 12.42
CA CYS B 288 23.21 30.80 13.50
C CYS B 288 22.74 29.57 14.28
N THR B 289 21.52 29.15 14.07
CA THR B 289 20.99 27.99 14.83
C THR B 289 21.06 26.65 14.11
N SER B 290 20.75 25.60 14.87
CA SER B 290 20.76 24.25 14.38
C SER B 290 19.50 23.87 13.61
N ALA B 291 18.48 24.73 13.65
CA ALA B 291 17.21 24.40 13.00
C ALA B 291 17.23 24.65 11.52
N TRP B 292 16.74 23.66 10.77
CA TRP B 292 16.71 23.71 9.33
C TRP B 292 18.08 24.04 8.78
N LEU B 293 19.07 23.32 9.30
CA LEU B 293 20.45 23.51 8.85
C LEU B 293 20.47 23.23 7.37
N GLY B 294 21.15 24.10 6.64
CA GLY B 294 21.22 23.95 5.20
C GLY B 294 20.31 24.96 4.54
N PHE B 295 19.02 24.87 4.85
CA PHE B 295 17.98 25.73 4.30
C PHE B 295 18.00 27.12 4.90
N ARG B 296 18.76 28.04 4.30
CA ARG B 296 18.88 29.41 4.81
C ARG B 296 18.11 30.42 3.96
N GLN B 297 16.94 30.85 4.43
CA GLN B 297 16.14 31.79 3.67
C GLN B 297 15.66 32.90 4.57
N VAL B 298 15.24 34.00 3.96
CA VAL B 298 14.75 35.10 4.75
C VAL B 298 13.48 34.71 5.53
N ILE B 299 12.53 34.07 4.83
CA ILE B 299 11.26 33.66 5.44
C ILE B 299 11.43 32.80 6.70
N THR B 300 12.30 31.80 6.63
CA THR B 300 12.52 30.94 7.77
C THR B 300 13.20 31.66 8.93
N ALA B 301 14.13 32.57 8.63
CA ALA B 301 14.81 33.30 9.71
C ALA B 301 13.81 34.27 10.38
N VAL B 302 13.01 34.96 9.59
CA VAL B 302 12.03 35.87 10.17
C VAL B 302 11.03 35.12 11.09
N ALA B 303 10.57 33.96 10.64
CA ALA B 303 9.65 33.15 11.43
C ALA B 303 10.37 32.60 12.70
N GLN B 304 11.62 32.16 12.57
CA GLN B 304 12.27 31.66 13.77
C GLN B 304 12.40 32.82 14.78
N GLY B 305 12.52 34.05 14.29
CA GLY B 305 12.64 35.19 15.17
C GLY B 305 11.36 35.42 15.95
N ALA B 306 10.22 35.24 15.28
CA ALA B 306 8.93 35.38 15.93
C ALA B 306 8.79 34.31 17.03
N VAL B 307 9.28 33.11 16.73
CA VAL B 307 9.21 32.02 17.71
C VAL B 307 10.14 32.34 18.89
N ALA B 308 11.38 32.78 18.61
CA ALA B 308 12.34 33.10 19.70
C ALA B 308 11.78 34.21 20.62
N ALA B 309 11.16 35.21 19.99
CA ALA B 309 10.57 36.32 20.72
C ALA B 309 9.43 35.81 21.58
N THR B 310 8.72 34.79 21.10
CA THR B 310 7.60 34.24 21.84
C THR B 310 8.13 33.46 23.04
N SER B 311 9.23 32.74 22.84
CA SER B 311 9.81 31.98 23.94
C SER B 311 10.35 32.94 25.00
N ALA B 312 10.88 34.09 24.58
CA ALA B 312 11.43 35.05 25.54
C ALA B 312 10.30 35.71 26.32
N TYR B 313 9.16 35.92 25.66
CA TYR B 313 8.03 36.56 26.31
C TYR B 313 7.51 35.65 27.40
N ARG B 314 7.46 34.36 27.10
CA ARG B 314 7.00 33.39 28.06
C ARG B 314 7.96 33.23 29.24
N TYR B 315 9.26 33.35 28.95
CA TYR B 315 10.30 33.22 29.97
C TYR B 315 10.32 34.44 30.89
N VAL B 316 10.18 35.63 30.30
CA VAL B 316 10.21 36.84 31.07
C VAL B 316 8.94 37.02 31.91
N THR B 317 7.78 36.77 31.31
CA THR B 317 6.53 36.93 32.03
C THR B 317 6.40 35.92 33.16
N GLU B 318 6.89 34.70 32.93
CA GLU B 318 6.84 33.67 33.96
C GLU B 318 7.84 33.99 35.07
N LYS B 319 8.93 34.64 34.70
CA LYS B 319 9.94 34.98 35.69
C LYS B 319 9.43 36.01 36.68
N VAL C 10 6.86 -38.24 16.40
CA VAL C 10 7.12 -39.41 15.56
C VAL C 10 8.48 -40.03 15.88
N LYS C 11 8.50 -41.34 16.10
CA LYS C 11 9.72 -42.06 16.43
C LYS C 11 10.09 -43.03 15.31
N PRO C 12 11.39 -43.32 15.13
CA PRO C 12 11.77 -44.26 14.07
C PRO C 12 11.17 -45.61 14.41
N GLY C 13 10.75 -46.36 13.39
CA GLY C 13 10.15 -47.67 13.65
C GLY C 13 8.65 -47.54 13.84
N GLU C 14 8.18 -46.32 14.10
CA GLU C 14 6.73 -46.11 14.26
C GLU C 14 5.97 -46.56 12.99
N LYS C 15 4.78 -47.09 13.24
CA LYS C 15 3.89 -47.62 12.23
C LYS C 15 2.68 -46.71 11.91
N PHE C 16 2.42 -46.52 10.63
CA PHE C 16 1.29 -45.70 10.18
C PHE C 16 0.38 -46.42 9.22
N ASP C 17 -0.88 -46.01 9.16
CA ASP C 17 -1.76 -46.65 8.18
C ASP C 17 -1.28 -46.29 6.76
N VAL C 18 -0.85 -45.04 6.60
CA VAL C 18 -0.37 -44.57 5.32
C VAL C 18 0.71 -43.54 5.51
N ILE C 19 1.71 -43.61 4.65
CA ILE C 19 2.78 -42.63 4.65
C ILE C 19 2.71 -42.00 3.27
N ILE C 20 2.64 -40.67 3.27
CA ILE C 20 2.56 -39.87 2.05
C ILE C 20 3.97 -39.34 1.79
N VAL C 21 4.46 -39.50 0.56
CA VAL C 21 5.81 -39.03 0.22
C VAL C 21 5.72 -37.77 -0.62
N GLY C 22 6.33 -36.69 -0.12
CA GLY C 22 6.26 -35.42 -0.80
C GLY C 22 5.45 -34.39 -0.01
N LEU C 23 5.57 -33.12 -0.38
CA LEU C 23 4.84 -32.09 0.32
C LEU C 23 4.37 -30.96 -0.61
N GLY C 24 3.99 -31.34 -1.83
CA GLY C 24 3.44 -30.36 -2.75
C GLY C 24 1.92 -30.51 -2.65
N PRO C 25 1.16 -29.86 -3.55
CA PRO C 25 -0.32 -29.91 -3.61
C PRO C 25 -0.89 -31.37 -3.56
N ALA C 26 -0.31 -32.28 -4.31
CA ALA C 26 -0.84 -33.65 -4.31
C ALA C 26 -0.75 -34.30 -2.93
N ALA C 27 0.36 -34.09 -2.25
CA ALA C 27 0.53 -34.67 -0.90
C ALA C 27 -0.41 -34.00 0.12
N TYR C 28 -0.59 -32.68 0.03
CA TYR C 28 -1.52 -32.00 0.94
C TYR C 28 -2.92 -32.52 0.70
N GLY C 29 -3.25 -32.71 -0.57
CA GLY C 29 -4.57 -33.18 -0.92
C GLY C 29 -4.78 -34.57 -0.35
N ALA C 30 -3.77 -35.43 -0.47
CA ALA C 30 -3.91 -36.77 0.05
C ALA C 30 -3.92 -36.78 1.60
N ALA C 31 -3.13 -35.92 2.25
CA ALA C 31 -3.08 -35.93 3.72
C ALA C 31 -4.41 -35.53 4.33
N LEU C 32 -5.05 -34.51 3.74
CA LEU C 32 -6.33 -34.03 4.22
C LEU C 32 -7.36 -35.14 4.22
N TYR C 33 -7.46 -35.87 3.12
CA TYR C 33 -8.43 -36.94 3.03
C TYR C 33 -8.07 -38.14 3.89
N SER C 34 -6.79 -38.50 3.88
CA SER C 34 -6.38 -39.65 4.67
C SER C 34 -6.66 -39.40 6.16
N ALA C 35 -6.30 -38.23 6.65
CA ALA C 35 -6.54 -37.91 8.05
C ALA C 35 -8.05 -37.88 8.32
N ARG C 36 -8.82 -37.31 7.40
CA ARG C 36 -10.28 -37.28 7.62
C ARG C 36 -10.95 -38.67 7.55
N TYR C 37 -10.24 -39.65 6.98
CA TYR C 37 -10.77 -41.02 6.91
C TYR C 37 -10.37 -41.68 8.22
N MET C 38 -9.67 -40.93 9.07
CA MET C 38 -9.16 -41.45 10.34
C MET C 38 -8.04 -42.47 10.14
N LEU C 39 -7.23 -42.29 9.11
CA LEU C 39 -6.08 -43.18 8.89
C LEU C 39 -4.95 -42.51 9.64
N LYS C 40 -4.15 -43.30 10.38
CA LYS C 40 -2.98 -42.74 11.10
C LYS C 40 -2.00 -42.38 9.97
N THR C 41 -1.85 -41.09 9.73
CA THR C 41 -1.06 -40.59 8.62
C THR C 41 0.24 -39.90 8.96
N LEU C 42 1.25 -40.14 8.12
CA LEU C 42 2.56 -39.49 8.22
C LEU C 42 2.95 -38.92 6.86
N VAL C 43 3.40 -37.67 6.84
CA VAL C 43 3.85 -37.08 5.60
C VAL C 43 5.38 -36.91 5.72
N ILE C 44 6.13 -37.36 4.72
CA ILE C 44 7.59 -37.17 4.69
C ILE C 44 7.86 -36.46 3.35
N GLY C 45 8.24 -35.20 3.39
CA GLY C 45 8.49 -34.48 2.14
C GLY C 45 9.67 -33.53 2.29
N GLU C 46 10.40 -33.28 1.21
CA GLU C 46 11.58 -32.42 1.33
C GLU C 46 11.32 -30.92 1.32
N THR C 47 10.58 -30.44 0.32
CA THR C 47 10.27 -29.00 0.17
C THR C 47 8.80 -28.70 0.37
N PRO C 48 8.45 -27.95 1.42
CA PRO C 48 7.02 -27.66 1.61
C PRO C 48 6.45 -26.83 0.45
N GLY C 49 5.32 -27.30 -0.10
CA GLY C 49 4.68 -26.60 -1.19
C GLY C 49 5.13 -27.04 -2.56
N GLY C 50 6.26 -27.76 -2.62
CA GLY C 50 6.75 -28.26 -3.90
C GLY C 50 7.01 -27.15 -4.91
N GLN C 51 6.60 -27.35 -6.15
CA GLN C 51 6.84 -26.36 -7.17
C GLN C 51 6.13 -25.01 -6.90
N LEU C 52 5.20 -24.97 -5.95
CA LEU C 52 4.56 -23.69 -5.63
C LEU C 52 5.58 -22.69 -5.09
N THR C 53 6.70 -23.18 -4.56
CA THR C 53 7.72 -22.28 -4.01
C THR C 53 8.28 -21.39 -5.16
N GLU C 54 8.12 -21.83 -6.40
CA GLU C 54 8.60 -21.09 -7.55
C GLU C 54 7.51 -20.34 -8.32
N ALA C 55 6.27 -20.32 -7.82
CA ALA C 55 5.21 -19.64 -8.55
C ALA C 55 4.92 -18.24 -8.00
N GLY C 56 4.18 -17.45 -8.76
CA GLY C 56 3.85 -16.12 -8.29
C GLY C 56 2.39 -16.13 -7.85
N ILE C 57 1.58 -15.31 -8.49
CA ILE C 57 0.16 -15.26 -8.15
C ILE C 57 -0.48 -16.50 -8.72
N VAL C 58 -1.36 -17.15 -7.96
CA VAL C 58 -2.05 -18.33 -8.45
C VAL C 58 -3.52 -17.96 -8.54
N ASP C 59 -4.08 -18.05 -9.74
CA ASP C 59 -5.47 -17.68 -9.92
C ASP C 59 -6.25 -18.76 -10.67
N ASP C 60 -5.78 -20.01 -10.64
CA ASP C 60 -6.49 -21.09 -11.33
C ASP C 60 -7.04 -22.15 -10.36
N TYR C 61 -7.01 -21.86 -9.07
CA TYR C 61 -7.52 -22.84 -8.12
C TYR C 61 -8.82 -22.24 -7.62
N LEU C 62 -9.93 -22.72 -8.18
CA LEU C 62 -11.24 -22.20 -7.84
C LEU C 62 -11.50 -21.90 -6.36
N GLY C 63 -11.85 -20.63 -6.07
CA GLY C 63 -12.15 -20.27 -4.69
C GLY C 63 -11.08 -19.51 -3.91
N LEU C 64 -9.81 -19.59 -4.35
CA LEU C 64 -8.70 -18.84 -3.74
C LEU C 64 -8.30 -17.83 -4.83
N ILE C 65 -9.01 -16.71 -4.85
CA ILE C 65 -8.79 -15.68 -5.86
C ILE C 65 -7.44 -14.94 -5.79
N GLU C 66 -6.66 -14.97 -6.86
CA GLU C 66 -5.38 -14.26 -6.91
C GLU C 66 -4.56 -14.39 -5.64
N ILE C 67 -4.32 -15.63 -5.21
CA ILE C 67 -3.58 -15.84 -3.99
C ILE C 67 -2.09 -15.95 -4.31
N GLN C 68 -1.24 -15.40 -3.47
CA GLN C 68 0.19 -15.55 -3.70
C GLN C 68 0.46 -17.03 -3.44
N ALA C 69 1.37 -17.63 -4.21
CA ALA C 69 1.69 -19.04 -4.03
C ALA C 69 2.22 -19.32 -2.61
N SER C 70 3.00 -18.40 -2.05
CA SER C 70 3.49 -18.64 -0.69
C SER C 70 2.33 -18.71 0.30
N ASP C 71 1.27 -17.94 0.07
CA ASP C 71 0.10 -17.99 0.96
C ASP C 71 -0.74 -19.26 0.72
N MET C 72 -0.74 -19.73 -0.51
CA MET C 72 -1.45 -20.96 -0.80
C MET C 72 -0.75 -22.11 -0.02
N ILE C 73 0.58 -22.16 -0.07
CA ILE C 73 1.35 -23.19 0.65
C ILE C 73 0.98 -23.13 2.15
N LYS C 74 1.01 -21.92 2.70
CA LYS C 74 0.69 -21.78 4.10
C LYS C 74 -0.72 -22.23 4.47
N VAL C 75 -1.70 -21.89 3.65
CA VAL C 75 -3.08 -22.30 3.99
C VAL C 75 -3.30 -23.80 3.76
N PHE C 76 -2.61 -24.38 2.76
CA PHE C 76 -2.71 -25.83 2.54
C PHE C 76 -2.16 -26.51 3.78
N ASN C 77 -1.02 -26.01 4.27
CA ASN C 77 -0.38 -26.56 5.45
C ASN C 77 -1.28 -26.46 6.68
N LYS C 78 -1.93 -25.30 6.85
CA LYS C 78 -2.82 -25.12 7.98
C LYS C 78 -3.97 -26.12 7.95
N HIS C 79 -4.45 -26.40 6.75
CA HIS C 79 -5.57 -27.31 6.60
C HIS C 79 -5.17 -28.70 7.05
N ILE C 80 -4.01 -29.21 6.67
CA ILE C 80 -3.71 -30.56 7.16
C ILE C 80 -3.31 -30.59 8.64
N GLU C 81 -2.70 -29.49 9.11
CA GLU C 81 -2.29 -29.43 10.52
C GLU C 81 -3.49 -29.30 11.44
N LYS C 82 -4.62 -28.83 10.89
CA LYS C 82 -5.84 -28.76 11.67
C LYS C 82 -6.17 -30.22 12.06
N TYR C 83 -5.81 -31.18 11.21
CA TYR C 83 -6.06 -32.60 11.50
C TYR C 83 -4.83 -33.24 12.16
N GLU C 84 -3.93 -32.38 12.62
CA GLU C 84 -2.71 -32.79 13.30
C GLU C 84 -1.87 -33.87 12.59
N VAL C 85 -1.70 -33.74 11.29
CA VAL C 85 -0.89 -34.72 10.58
C VAL C 85 0.59 -34.43 10.80
N PRO C 86 1.36 -35.39 11.30
CA PRO C 86 2.77 -35.07 11.48
C PRO C 86 3.49 -35.01 10.13
N VAL C 87 4.34 -34.01 10.00
CA VAL C 87 5.08 -33.82 8.78
C VAL C 87 6.58 -33.86 9.08
N LEU C 88 7.31 -34.75 8.39
CA LEU C 88 8.78 -34.84 8.55
C LEU C 88 9.40 -34.28 7.28
N LEU C 89 10.35 -33.38 7.41
CA LEU C 89 10.99 -32.81 6.23
C LEU C 89 12.25 -33.60 5.95
N ASP C 90 12.19 -34.52 4.98
CA ASP C 90 13.35 -35.32 4.61
C ASP C 90 13.03 -35.92 3.26
N ILE C 91 14.00 -36.62 2.70
CA ILE C 91 13.88 -37.29 1.42
C ILE C 91 13.68 -38.76 1.72
N VAL C 92 12.80 -39.41 0.97
CA VAL C 92 12.56 -40.83 1.15
C VAL C 92 13.46 -41.44 0.10
N GLU C 93 14.29 -42.42 0.51
CA GLU C 93 15.22 -43.07 -0.42
C GLU C 93 14.75 -44.43 -0.87
N LYS C 94 13.92 -45.09 -0.08
CA LYS C 94 13.52 -46.42 -0.50
C LYS C 94 12.22 -46.83 0.15
N ILE C 95 11.44 -47.60 -0.58
CA ILE C 95 10.19 -48.13 -0.08
C ILE C 95 10.34 -49.61 -0.26
N GLU C 96 10.50 -50.27 0.88
CA GLU C 96 10.72 -51.69 0.92
C GLU C 96 9.50 -52.45 1.42
N ASN C 97 9.27 -53.59 0.81
CA ASN C 97 8.11 -54.42 1.13
C ASN C 97 8.56 -55.79 1.67
N GLU C 101 3.63 -55.26 5.33
CA GLU C 101 3.78 -53.81 5.47
C GLU C 101 5.00 -53.28 4.72
N PHE C 102 5.07 -51.96 4.57
CA PHE C 102 6.18 -51.32 3.89
C PHE C 102 7.10 -50.70 4.92
N VAL C 103 8.37 -50.60 4.54
CA VAL C 103 9.36 -49.97 5.35
C VAL C 103 9.82 -48.82 4.48
N VAL C 104 9.66 -47.63 5.01
CA VAL C 104 10.00 -46.42 4.30
C VAL C 104 11.26 -45.85 4.91
N LYS C 105 12.31 -45.86 4.09
CA LYS C 105 13.63 -45.41 4.53
C LYS C 105 13.94 -44.00 4.07
N THR C 106 14.26 -43.13 5.05
CA THR C 106 14.59 -41.74 4.77
C THR C 106 16.11 -41.57 4.73
N LYS C 107 16.54 -40.54 4.03
CA LYS C 107 17.95 -40.25 3.89
C LYS C 107 18.59 -39.83 5.21
N ARG C 108 17.84 -39.18 6.09
CA ARG C 108 18.39 -38.67 7.33
C ARG C 108 17.67 -38.90 8.65
N LYS C 109 16.44 -39.41 8.62
CA LYS C 109 15.74 -39.56 9.87
C LYS C 109 15.30 -40.96 10.23
N GLY C 110 15.90 -41.96 9.60
CA GLY C 110 15.55 -43.34 9.89
C GLY C 110 14.44 -43.92 9.00
N GLU C 111 13.89 -45.05 9.43
CA GLU C 111 12.84 -45.72 8.70
C GLU C 111 11.53 -45.74 9.48
N PHE C 112 10.40 -45.82 8.76
CA PHE C 112 9.07 -45.86 9.36
C PHE C 112 8.27 -46.93 8.65
N LYS C 113 7.28 -47.49 9.34
CA LYS C 113 6.49 -48.56 8.76
C LYS C 113 5.11 -48.08 8.37
N ALA C 114 4.50 -48.77 7.42
CA ALA C 114 3.19 -48.37 6.97
C ALA C 114 2.44 -49.49 6.26
N ASP C 115 1.11 -49.41 6.33
CA ASP C 115 0.25 -50.36 5.62
C ASP C 115 0.12 -49.96 4.16
N SER C 116 0.21 -48.67 3.88
CA SER C 116 0.14 -48.18 2.48
C SER C 116 1.03 -46.95 2.29
N VAL C 117 1.33 -46.64 1.03
CA VAL C 117 2.14 -45.50 0.70
C VAL C 117 1.51 -44.74 -0.46
N ILE C 118 1.52 -43.40 -0.37
CA ILE C 118 1.00 -42.56 -1.44
C ILE C 118 2.16 -41.69 -1.92
N LEU C 119 2.52 -41.81 -3.20
CA LEU C 119 3.64 -41.01 -3.72
C LEU C 119 3.13 -39.71 -4.39
N GLY C 120 3.63 -38.56 -3.93
CA GLY C 120 3.25 -37.26 -4.51
C GLY C 120 4.57 -36.53 -4.69
N ILE C 121 5.50 -37.23 -5.31
CA ILE C 121 6.85 -36.70 -5.44
C ILE C 121 7.09 -35.80 -6.60
N GLY C 122 6.06 -35.58 -7.42
CA GLY C 122 6.16 -34.67 -8.55
C GLY C 122 7.25 -34.91 -9.59
N VAL C 123 7.73 -33.84 -10.23
CA VAL C 123 8.80 -33.96 -11.23
C VAL C 123 9.78 -32.84 -11.08
N LYS C 124 10.98 -32.98 -11.64
CA LYS C 124 11.96 -31.91 -11.54
C LYS C 124 11.91 -31.07 -12.80
N ARG C 125 11.87 -29.76 -12.62
CA ARG C 125 11.85 -28.81 -13.73
C ARG C 125 13.21 -28.86 -14.44
N ARG C 126 13.24 -28.96 -15.76
CA ARG C 126 14.51 -28.97 -16.47
C ARG C 126 15.08 -27.56 -16.43
N LYS C 127 16.39 -27.48 -16.23
CA LYS C 127 17.05 -26.18 -16.13
C LYS C 127 17.66 -25.74 -17.45
N LEU C 128 17.55 -24.45 -17.73
CA LEU C 128 18.12 -23.89 -18.95
C LEU C 128 19.59 -23.63 -18.59
N GLY C 129 19.81 -23.08 -17.41
CA GLY C 129 21.16 -22.81 -16.96
C GLY C 129 21.84 -21.71 -17.75
N VAL C 130 21.43 -20.48 -17.48
CA VAL C 130 22.00 -19.31 -18.14
C VAL C 130 21.87 -18.14 -17.18
N PRO C 131 22.83 -17.21 -17.22
CA PRO C 131 22.73 -16.07 -16.31
C PRO C 131 21.39 -15.37 -16.43
N GLY C 132 20.88 -14.89 -15.30
CA GLY C 132 19.61 -14.20 -15.30
C GLY C 132 18.45 -15.07 -14.83
N GLU C 133 18.49 -16.35 -15.17
CA GLU C 133 17.44 -17.27 -14.78
C GLU C 133 17.17 -17.24 -13.28
N GLN C 134 18.23 -17.14 -12.48
CA GLN C 134 18.07 -17.10 -11.03
C GLN C 134 17.63 -15.69 -10.67
N GLU C 135 18.48 -14.74 -11.05
CA GLU C 135 18.26 -13.33 -10.77
C GLU C 135 16.84 -12.86 -11.02
N PHE C 136 16.26 -13.26 -12.14
CA PHE C 136 14.92 -12.82 -12.48
C PHE C 136 13.77 -13.78 -12.24
N ALA C 137 13.97 -14.78 -11.38
CA ALA C 137 12.88 -15.70 -11.09
C ALA C 137 11.77 -14.86 -10.47
N GLY C 138 10.53 -15.26 -10.73
CA GLY C 138 9.41 -14.52 -10.19
C GLY C 138 9.45 -13.04 -10.52
N ARG C 139 10.32 -12.63 -11.45
CA ARG C 139 10.43 -11.23 -11.82
C ARG C 139 10.39 -11.03 -13.33
N GLY C 140 9.68 -11.93 -14.00
CA GLY C 140 9.57 -11.86 -15.45
C GLY C 140 9.79 -13.23 -16.04
N ILE C 141 10.13 -14.19 -15.20
CA ILE C 141 10.37 -15.56 -15.63
C ILE C 141 9.29 -16.50 -15.12
N SER C 142 8.80 -17.37 -16.00
CA SER C 142 7.76 -18.33 -15.65
C SER C 142 7.99 -19.68 -16.32
N TYR C 143 7.56 -20.76 -15.66
CA TYR C 143 7.69 -22.11 -16.21
C TYR C 143 6.32 -22.71 -16.51
N CYS C 144 5.29 -21.88 -16.55
CA CYS C 144 3.94 -22.37 -16.85
C CYS C 144 3.17 -21.34 -17.67
N SER C 145 3.09 -21.58 -18.96
CA SER C 145 2.38 -20.65 -19.84
C SER C 145 0.92 -20.49 -19.51
N VAL C 146 0.21 -21.61 -19.36
CA VAL C 146 -1.23 -21.58 -19.08
C VAL C 146 -1.58 -20.89 -17.76
N CYS C 147 -0.74 -21.09 -16.74
CA CYS C 147 -1.01 -20.46 -15.47
C CYS C 147 -0.79 -18.96 -15.50
N ASP C 148 0.27 -18.52 -16.15
CA ASP C 148 0.61 -17.09 -16.11
C ASP C 148 0.30 -16.23 -17.32
N ALA C 149 -0.21 -16.83 -18.39
CA ALA C 149 -0.49 -16.03 -19.59
C ALA C 149 -1.38 -14.85 -19.26
N PRO C 150 -2.38 -15.05 -18.36
CA PRO C 150 -3.21 -13.90 -18.06
C PRO C 150 -2.48 -12.72 -17.41
N LEU C 151 -1.26 -12.93 -16.94
CA LEU C 151 -0.50 -11.85 -16.32
C LEU C 151 0.31 -11.08 -17.36
N PHE C 152 0.20 -11.48 -18.62
CA PHE C 152 0.96 -10.77 -19.64
C PHE C 152 0.12 -10.19 -20.77
N LYS C 153 -1.09 -9.75 -20.45
CA LYS C 153 -2.00 -9.16 -21.44
C LYS C 153 -1.32 -7.91 -22.02
N ASN C 154 -1.16 -7.89 -23.33
CA ASN C 154 -0.55 -6.74 -23.99
C ASN C 154 0.91 -6.47 -23.59
N ARG C 155 1.66 -7.56 -23.38
CA ARG C 155 3.09 -7.48 -23.08
C ARG C 155 3.79 -8.37 -24.14
N VAL C 156 5.08 -8.15 -24.40
CA VAL C 156 5.81 -8.97 -25.38
C VAL C 156 6.50 -10.09 -24.60
N VAL C 157 6.46 -11.32 -25.11
CA VAL C 157 7.07 -12.42 -24.36
C VAL C 157 7.83 -13.39 -25.21
N ALA C 158 8.66 -14.19 -24.56
CA ALA C 158 9.41 -15.22 -25.27
C ALA C 158 9.04 -16.57 -24.65
N VAL C 159 8.97 -17.59 -25.49
CA VAL C 159 8.70 -18.95 -25.03
C VAL C 159 9.90 -19.76 -25.52
N ILE C 160 10.50 -20.55 -24.63
CA ILE C 160 11.67 -21.37 -24.96
C ILE C 160 11.30 -22.83 -24.94
N GLY C 161 11.51 -23.52 -26.05
CA GLY C 161 11.18 -24.94 -26.10
C GLY C 161 10.55 -25.29 -27.43
N GLY C 162 10.49 -26.58 -27.75
CA GLY C 162 9.90 -26.95 -29.02
C GLY C 162 8.94 -28.12 -28.96
N GLY C 163 8.43 -28.42 -27.77
CA GLY C 163 7.50 -29.54 -27.63
C GLY C 163 6.06 -29.08 -27.39
N ASP C 164 5.21 -30.02 -26.97
CA ASP C 164 3.80 -29.74 -26.71
C ASP C 164 3.58 -28.52 -25.81
N SER C 165 4.32 -28.47 -24.70
CA SER C 165 4.19 -27.38 -23.75
C SER C 165 4.55 -26.02 -24.32
N ALA C 166 5.60 -25.95 -25.13
CA ALA C 166 6.03 -24.72 -25.75
C ALA C 166 5.00 -24.22 -26.75
N LEU C 167 4.58 -25.10 -27.66
CA LEU C 167 3.59 -24.77 -28.67
C LEU C 167 2.24 -24.39 -28.04
N GLU C 168 1.77 -25.15 -27.05
CA GLU C 168 0.51 -24.78 -26.42
C GLU C 168 0.72 -23.48 -25.65
N GLY C 169 1.90 -23.31 -25.09
CA GLY C 169 2.16 -22.08 -24.37
C GLY C 169 2.04 -20.88 -25.32
N ALA C 170 2.78 -20.93 -26.44
CA ALA C 170 2.79 -19.85 -27.45
C ALA C 170 1.38 -19.60 -27.94
N GLU C 171 0.59 -20.68 -27.99
CA GLU C 171 -0.78 -20.57 -28.42
C GLU C 171 -1.61 -19.69 -27.47
N ILE C 172 -1.62 -20.03 -26.19
CA ILE C 172 -2.42 -19.25 -25.24
C ILE C 172 -1.83 -17.86 -25.05
N LEU C 173 -0.51 -17.78 -25.05
CA LEU C 173 0.15 -16.50 -24.88
C LEU C 173 -0.11 -15.60 -26.10
N SER C 174 -0.24 -16.16 -27.29
CA SER C 174 -0.48 -15.31 -28.46
C SER C 174 -1.87 -14.61 -28.32
N SER C 175 -2.80 -15.25 -27.61
CA SER C 175 -4.13 -14.65 -27.40
C SER C 175 -4.08 -13.50 -26.39
N TYR C 176 -3.19 -13.62 -25.40
CA TYR C 176 -3.09 -12.56 -24.38
C TYR C 176 -2.09 -11.45 -24.69
N SER C 177 -0.90 -11.89 -25.05
CA SER C 177 0.21 -11.00 -25.29
C SER C 177 0.19 -10.20 -26.59
N THR C 178 1.05 -9.19 -26.63
CA THR C 178 1.26 -8.33 -27.79
C THR C 178 1.83 -9.22 -28.89
N LYS C 179 2.90 -9.91 -28.52
CA LYS C 179 3.62 -10.76 -29.46
C LYS C 179 4.44 -11.82 -28.71
N VAL C 180 4.60 -12.96 -29.36
CA VAL C 180 5.33 -14.07 -28.78
C VAL C 180 6.55 -14.47 -29.60
N TYR C 181 7.72 -14.48 -28.99
CA TYR C 181 8.89 -14.97 -29.71
C TYR C 181 9.04 -16.44 -29.27
N LEU C 182 8.88 -17.37 -30.21
CA LEU C 182 9.00 -18.80 -29.87
C LEU C 182 10.42 -19.25 -30.23
N ILE C 183 11.27 -19.39 -29.21
CA ILE C 183 12.66 -19.77 -29.40
C ILE C 183 12.91 -21.27 -29.26
N HIS C 184 13.49 -21.89 -30.29
CA HIS C 184 13.76 -23.33 -30.26
C HIS C 184 15.15 -23.62 -30.87
N ARG C 185 15.89 -24.51 -30.22
CA ARG C 185 17.25 -24.83 -30.64
C ARG C 185 17.36 -25.69 -31.89
N ARG C 186 16.23 -26.20 -32.36
CA ARG C 186 16.23 -27.03 -33.55
C ARG C 186 15.61 -26.33 -34.75
N ASP C 187 15.63 -27.05 -35.86
CA ASP C 187 15.11 -26.62 -37.14
C ASP C 187 13.62 -26.97 -37.20
N THR C 188 13.26 -28.01 -36.46
CA THR C 188 11.88 -28.47 -36.41
C THR C 188 11.46 -28.67 -34.95
N PHE C 189 10.15 -28.80 -34.75
CA PHE C 189 9.58 -28.98 -33.42
C PHE C 189 9.21 -30.44 -33.19
N LYS C 190 9.15 -30.87 -31.93
CA LYS C 190 8.75 -32.24 -31.65
C LYS C 190 7.30 -32.24 -31.19
N ALA C 191 6.75 -31.03 -31.04
CA ALA C 191 5.36 -30.91 -30.63
C ALA C 191 4.48 -31.47 -31.73
N GLN C 192 3.31 -31.99 -31.34
CA GLN C 192 2.36 -32.52 -32.31
C GLN C 192 2.26 -31.58 -33.52
N PRO C 193 2.00 -32.14 -34.71
CA PRO C 193 1.89 -31.34 -35.94
C PRO C 193 0.75 -30.30 -35.90
N ILE C 194 -0.35 -30.65 -35.25
CA ILE C 194 -1.51 -29.77 -35.15
C ILE C 194 -1.21 -28.47 -34.38
N TYR C 195 -0.45 -28.58 -33.30
CA TYR C 195 -0.11 -27.39 -32.53
C TYR C 195 0.80 -26.47 -33.34
N VAL C 196 1.76 -27.05 -34.06
CA VAL C 196 2.68 -26.25 -34.84
C VAL C 196 1.90 -25.46 -35.89
N GLU C 197 0.99 -26.15 -36.57
CA GLU C 197 0.17 -25.55 -37.60
C GLU C 197 -0.71 -24.41 -37.07
N THR C 198 -1.40 -24.68 -35.96
CA THR C 198 -2.27 -23.69 -35.33
C THR C 198 -1.45 -22.44 -34.99
N VAL C 199 -0.33 -22.65 -34.31
CA VAL C 199 0.54 -21.55 -33.90
C VAL C 199 1.13 -20.75 -35.06
N LYS C 200 1.44 -21.46 -36.13
CA LYS C 200 2.04 -20.85 -37.31
C LYS C 200 1.13 -19.78 -37.93
N LYS C 201 -0.18 -19.98 -37.80
CA LYS C 201 -1.13 -19.04 -38.37
C LYS C 201 -1.39 -17.82 -37.49
N LYS C 202 -0.70 -17.72 -36.35
CA LYS C 202 -0.90 -16.57 -35.48
C LYS C 202 -0.02 -15.44 -35.98
N PRO C 203 -0.64 -14.29 -36.33
CA PRO C 203 0.19 -13.19 -36.82
C PRO C 203 1.10 -12.52 -35.82
N ASN C 204 0.92 -12.81 -34.53
CA ASN C 204 1.80 -12.18 -33.56
C ASN C 204 2.75 -13.17 -32.94
N VAL C 205 2.92 -14.33 -33.58
CA VAL C 205 3.90 -15.28 -33.07
C VAL C 205 5.06 -15.38 -34.07
N GLU C 206 6.26 -15.03 -33.60
CA GLU C 206 7.46 -15.10 -34.43
C GLU C 206 8.35 -16.31 -34.04
N PHE C 207 8.63 -17.20 -34.99
CA PHE C 207 9.51 -18.34 -34.71
C PHE C 207 10.97 -17.93 -34.79
N VAL C 208 11.73 -18.24 -33.73
CA VAL C 208 13.16 -17.98 -33.75
C VAL C 208 13.78 -19.38 -33.69
N LEU C 209 13.97 -20.00 -34.85
CA LEU C 209 14.52 -21.36 -34.90
C LEU C 209 16.05 -21.49 -34.82
N ASN C 210 16.52 -22.73 -34.67
CA ASN C 210 17.95 -22.99 -34.54
C ASN C 210 18.57 -22.03 -33.53
N SER C 211 17.86 -21.70 -32.47
CA SER C 211 18.45 -20.76 -31.52
C SER C 211 18.31 -21.21 -30.08
N VAL C 212 19.14 -20.61 -29.23
CA VAL C 212 19.15 -20.88 -27.82
C VAL C 212 19.36 -19.55 -27.13
N VAL C 213 18.84 -19.44 -25.92
CA VAL C 213 18.96 -18.22 -25.12
C VAL C 213 20.34 -18.22 -24.44
N LYS C 214 21.03 -17.08 -24.48
CA LYS C 214 22.33 -16.97 -23.84
C LYS C 214 22.13 -16.44 -22.44
N GLU C 215 21.48 -15.29 -22.34
CA GLU C 215 21.22 -14.63 -21.08
C GLU C 215 19.79 -14.12 -21.07
N ILE C 216 19.37 -13.68 -19.88
CA ILE C 216 18.05 -13.10 -19.68
C ILE C 216 18.36 -11.82 -18.92
N LYS C 217 18.34 -10.69 -19.62
CA LYS C 217 18.66 -9.39 -19.05
C LYS C 217 17.48 -8.54 -18.63
N GLY C 218 17.75 -7.60 -17.73
CA GLY C 218 16.73 -6.69 -17.23
C GLY C 218 17.18 -5.96 -15.98
N ASP C 219 16.37 -5.01 -15.52
CA ASP C 219 16.68 -4.25 -14.31
C ASP C 219 16.04 -4.95 -13.12
N LYS C 220 14.93 -4.38 -12.65
CA LYS C 220 14.18 -4.95 -11.54
C LYS C 220 13.41 -6.15 -12.10
N VAL C 221 12.88 -5.98 -13.31
CA VAL C 221 12.12 -7.03 -13.99
C VAL C 221 12.88 -7.46 -15.24
N VAL C 222 12.43 -8.53 -15.89
CA VAL C 222 13.08 -8.98 -17.12
C VAL C 222 12.84 -7.94 -18.21
N LYS C 223 13.89 -7.59 -18.94
CA LYS C 223 13.78 -6.59 -19.99
C LYS C 223 14.10 -7.18 -21.35
N GLN C 224 14.88 -8.25 -21.36
CA GLN C 224 15.25 -8.87 -22.62
C GLN C 224 15.97 -10.19 -22.47
N VAL C 225 16.08 -10.90 -23.60
CA VAL C 225 16.74 -12.19 -23.64
C VAL C 225 17.73 -12.20 -24.80
N VAL C 226 18.95 -12.62 -24.52
CA VAL C 226 19.96 -12.67 -25.58
C VAL C 226 19.90 -14.04 -26.24
N VAL C 227 19.66 -14.03 -27.55
CA VAL C 227 19.56 -15.25 -28.34
C VAL C 227 20.83 -15.47 -29.17
N GLU C 228 20.97 -16.68 -29.71
CA GLU C 228 22.10 -17.01 -30.56
C GLU C 228 21.74 -18.07 -31.57
N ASN C 229 21.95 -17.75 -32.85
CA ASN C 229 21.67 -18.72 -33.89
C ASN C 229 22.87 -19.67 -33.89
N LEU C 230 22.59 -20.94 -33.62
CA LEU C 230 23.64 -21.95 -33.57
C LEU C 230 24.33 -22.03 -34.93
N LYS C 231 23.54 -21.95 -35.99
CA LYS C 231 24.08 -21.99 -37.35
C LYS C 231 24.75 -20.65 -37.71
N THR C 232 23.95 -19.60 -37.89
CA THR C 232 24.46 -18.28 -38.22
C THR C 232 25.62 -17.91 -37.32
N GLY C 233 25.33 -17.87 -36.02
CA GLY C 233 26.33 -17.47 -35.04
C GLY C 233 25.84 -16.11 -34.59
N GLU C 234 24.82 -15.63 -35.29
CA GLU C 234 24.17 -14.35 -35.05
C GLU C 234 23.77 -14.20 -33.58
N ILE C 235 23.86 -12.99 -33.05
CA ILE C 235 23.52 -12.72 -31.66
C ILE C 235 22.64 -11.47 -31.51
N LYS C 236 21.35 -11.66 -31.32
CA LYS C 236 20.42 -10.54 -31.18
C LYS C 236 19.77 -10.47 -29.80
N GLU C 237 19.43 -9.27 -29.36
CA GLU C 237 18.79 -9.09 -28.05
C GLU C 237 17.31 -8.81 -28.29
N LEU C 238 16.45 -9.58 -27.63
CA LEU C 238 15.01 -9.40 -27.79
C LEU C 238 14.39 -8.77 -26.57
N ASN C 239 13.85 -7.57 -26.72
CA ASN C 239 13.19 -6.88 -25.62
C ASN C 239 11.90 -7.62 -25.25
N VAL C 240 11.84 -8.19 -24.05
CA VAL C 240 10.65 -8.89 -23.62
C VAL C 240 10.30 -8.67 -22.15
N ASN C 241 8.99 -8.69 -21.89
CA ASN C 241 8.49 -8.51 -20.53
C ASN C 241 8.44 -9.87 -19.84
N GLY C 242 8.24 -10.93 -20.61
CA GLY C 242 8.18 -12.26 -20.02
C GLY C 242 8.97 -13.32 -20.76
N VAL C 243 9.45 -14.32 -20.03
CA VAL C 243 10.21 -15.41 -20.62
C VAL C 243 9.63 -16.69 -20.04
N PHE C 244 9.03 -17.51 -20.89
CA PHE C 244 8.40 -18.74 -20.44
C PHE C 244 9.24 -19.90 -20.89
N ILE C 245 9.85 -20.57 -19.91
CA ILE C 245 10.72 -21.70 -20.17
C ILE C 245 9.87 -22.97 -20.21
N GLU C 246 9.72 -23.54 -21.39
CA GLU C 246 8.91 -24.73 -21.60
C GLU C 246 9.73 -25.83 -22.25
N ILE C 247 10.75 -26.28 -21.53
CA ILE C 247 11.65 -27.33 -22.03
C ILE C 247 11.43 -28.69 -21.37
N GLY C 248 10.24 -28.89 -20.83
CA GLY C 248 9.92 -30.17 -20.23
C GLY C 248 10.38 -30.40 -18.80
N PHE C 249 10.11 -31.62 -18.34
CA PHE C 249 10.43 -32.07 -17.00
C PHE C 249 11.08 -33.44 -16.99
N ASP C 250 11.70 -33.76 -15.87
CA ASP C 250 12.30 -35.06 -15.71
C ASP C 250 11.45 -35.86 -14.74
N PRO C 251 10.77 -36.88 -15.23
CA PRO C 251 9.93 -37.69 -14.33
C PRO C 251 10.81 -38.54 -13.38
N PRO C 252 10.25 -39.01 -12.24
CA PRO C 252 11.07 -39.79 -11.30
C PRO C 252 11.22 -41.25 -11.73
N THR C 253 11.72 -41.48 -12.93
CA THR C 253 11.84 -42.85 -13.45
C THR C 253 12.78 -43.73 -12.61
N ASP C 254 13.95 -43.18 -12.27
CA ASP C 254 14.92 -43.88 -11.46
C ASP C 254 14.31 -44.29 -10.11
N PHE C 255 13.71 -43.33 -9.40
CA PHE C 255 13.10 -43.65 -8.12
C PHE C 255 12.07 -44.76 -8.30
N ALA C 256 11.29 -44.66 -9.39
CA ALA C 256 10.25 -45.66 -9.64
C ALA C 256 10.92 -47.00 -9.85
N LYS C 257 11.92 -47.01 -10.73
CA LYS C 257 12.66 -48.21 -11.05
C LYS C 257 13.37 -48.75 -9.82
N SER C 258 14.03 -47.87 -9.07
CA SER C 258 14.74 -48.31 -7.87
C SER C 258 13.80 -48.91 -6.80
N ASN C 259 12.48 -48.67 -6.92
CA ASN C 259 11.57 -49.19 -5.93
C ASN C 259 10.58 -50.17 -6.52
N GLY C 260 10.93 -50.65 -7.72
CA GLY C 260 10.10 -51.61 -8.41
C GLY C 260 8.71 -51.17 -8.78
N ILE C 261 8.55 -49.89 -9.10
CA ILE C 261 7.25 -49.38 -9.51
C ILE C 261 7.27 -49.17 -11.02
N GLU C 262 6.24 -49.66 -11.71
CA GLU C 262 6.18 -49.54 -13.17
C GLU C 262 5.98 -48.10 -13.64
N THR C 263 6.62 -47.77 -14.75
CA THR C 263 6.50 -46.45 -15.33
C THR C 263 5.83 -46.56 -16.71
N ASP C 264 5.28 -45.46 -17.19
CA ASP C 264 4.62 -45.48 -18.48
C ASP C 264 5.67 -45.24 -19.55
N THR C 265 5.19 -45.13 -20.76
CA THR C 265 6.01 -44.95 -21.95
C THR C 265 6.87 -43.70 -21.89
N ASN C 266 6.50 -42.79 -20.99
CA ASN C 266 7.18 -41.52 -20.81
C ASN C 266 8.05 -41.44 -19.53
N GLY C 267 8.19 -42.54 -18.80
CA GLY C 267 9.01 -42.52 -17.59
C GLY C 267 8.29 -42.06 -16.33
N TYR C 268 6.99 -41.74 -16.47
CA TYR C 268 6.17 -41.31 -15.32
C TYR C 268 5.59 -42.54 -14.59
N ILE C 269 5.23 -42.38 -13.31
CA ILE C 269 4.68 -43.49 -12.53
C ILE C 269 3.32 -43.88 -13.09
N LYS C 270 3.21 -45.15 -13.49
CA LYS C 270 1.98 -45.65 -14.07
C LYS C 270 0.87 -45.85 -13.06
N VAL C 271 -0.29 -45.26 -13.35
CA VAL C 271 -1.43 -45.40 -12.48
C VAL C 271 -2.69 -45.71 -13.26
N ASP C 272 -3.67 -46.34 -12.60
CA ASP C 272 -4.96 -46.61 -13.22
C ASP C 272 -5.84 -45.44 -12.80
N GLU C 273 -7.13 -45.51 -13.13
CA GLU C 273 -8.07 -44.45 -12.81
C GLU C 273 -8.08 -44.06 -11.32
N TRP C 274 -7.98 -45.08 -10.46
CA TRP C 274 -8.00 -44.85 -9.04
C TRP C 274 -6.66 -44.59 -8.38
N MET C 275 -5.69 -44.15 -9.17
CA MET C 275 -4.35 -43.81 -8.68
C MET C 275 -3.55 -44.98 -8.08
N ARG C 276 -3.82 -46.22 -8.49
CA ARG C 276 -3.06 -47.37 -8.00
C ARG C 276 -1.83 -47.58 -8.90
N THR C 277 -0.66 -47.83 -8.30
CA THR C 277 0.55 -48.09 -9.08
C THR C 277 0.60 -49.62 -9.28
N SER C 278 1.65 -50.12 -9.91
CA SER C 278 1.74 -51.58 -10.11
C SER C 278 2.01 -52.33 -8.79
N VAL C 279 2.49 -51.63 -7.76
CA VAL C 279 2.72 -52.33 -6.48
C VAL C 279 1.52 -52.18 -5.57
N PRO C 280 0.86 -53.30 -5.24
CA PRO C 280 -0.31 -53.27 -4.35
C PRO C 280 0.00 -52.52 -3.04
N GLY C 281 -0.91 -51.65 -2.61
CA GLY C 281 -0.64 -50.91 -1.39
C GLY C 281 0.10 -49.61 -1.66
N VAL C 282 0.58 -49.44 -2.90
CA VAL C 282 1.28 -48.18 -3.25
C VAL C 282 0.43 -47.40 -4.26
N PHE C 283 0.18 -46.13 -3.95
CA PHE C 283 -0.64 -45.26 -4.80
C PHE C 283 0.17 -44.02 -5.14
N ALA C 284 -0.29 -43.27 -6.13
CA ALA C 284 0.42 -42.05 -6.48
C ALA C 284 -0.54 -40.99 -6.94
N ALA C 285 -0.10 -39.73 -6.87
CA ALA C 285 -0.96 -38.61 -7.26
C ALA C 285 -0.10 -37.42 -7.68
N GLY C 286 -0.66 -36.60 -8.56
CA GLY C 286 0.07 -35.43 -9.02
C GLY C 286 0.93 -35.63 -10.24
N ASP C 287 1.77 -34.63 -10.49
CA ASP C 287 2.74 -34.59 -11.61
C ASP C 287 3.57 -35.85 -11.84
N CYS C 288 3.84 -36.62 -10.78
CA CYS C 288 4.66 -37.81 -10.96
C CYS C 288 3.95 -38.96 -11.66
N THR C 289 2.62 -38.89 -11.74
CA THR C 289 1.83 -39.94 -12.37
C THR C 289 1.56 -39.79 -13.85
N SER C 290 1.09 -40.87 -14.46
CA SER C 290 0.78 -40.93 -15.89
C SER C 290 -0.58 -40.30 -16.19
N ALA C 291 -1.39 -40.09 -15.16
CA ALA C 291 -2.74 -39.51 -15.33
C ALA C 291 -2.73 -38.02 -15.70
N TRP C 292 -3.51 -37.65 -16.72
CA TRP C 292 -3.60 -36.27 -17.23
C TRP C 292 -2.19 -35.75 -17.47
N LEU C 293 -1.36 -36.57 -18.09
CA LEU C 293 0.04 -36.22 -18.34
C LEU C 293 0.18 -34.91 -19.11
N GLY C 294 1.01 -34.02 -18.58
CA GLY C 294 1.20 -32.74 -19.22
C GLY C 294 0.43 -31.60 -18.54
N PHE C 295 -0.84 -31.86 -18.24
CA PHE C 295 -1.69 -30.87 -17.58
C PHE C 295 -1.29 -30.79 -16.11
N ARG C 296 -0.35 -29.89 -15.81
CA ARG C 296 0.19 -29.72 -14.46
C ARG C 296 -0.42 -28.56 -13.70
N GLN C 297 -1.51 -28.82 -13.02
CA GLN C 297 -2.24 -27.81 -12.27
C GLN C 297 -2.38 -28.19 -10.81
N VAL C 298 -2.50 -27.16 -9.96
CA VAL C 298 -2.68 -27.42 -8.55
C VAL C 298 -4.01 -28.16 -8.30
N ILE C 299 -5.09 -27.72 -8.92
CA ILE C 299 -6.43 -28.33 -8.73
C ILE C 299 -6.47 -29.84 -9.02
N THR C 300 -5.85 -30.25 -10.13
CA THR C 300 -5.89 -31.68 -10.48
C THR C 300 -5.01 -32.52 -9.57
N ALA C 301 -3.87 -31.97 -9.16
CA ALA C 301 -2.99 -32.68 -8.24
C ALA C 301 -3.71 -32.88 -6.92
N VAL C 302 -4.40 -31.84 -6.43
CA VAL C 302 -5.08 -31.95 -5.15
C VAL C 302 -6.23 -32.97 -5.26
N ALA C 303 -6.90 -33.00 -6.40
CA ALA C 303 -8.01 -33.95 -6.58
C ALA C 303 -7.43 -35.38 -6.62
N GLN C 304 -6.32 -35.57 -7.32
CA GLN C 304 -5.72 -36.90 -7.41
C GLN C 304 -5.26 -37.34 -6.02
N GLY C 305 -4.88 -36.38 -5.17
CA GLY C 305 -4.42 -36.71 -3.82
C GLY C 305 -5.58 -37.32 -3.07
N ALA C 306 -6.74 -36.70 -3.21
CA ALA C 306 -7.97 -37.19 -2.56
C ALA C 306 -8.34 -38.62 -3.02
N VAL C 307 -8.21 -38.84 -4.33
CA VAL C 307 -8.54 -40.15 -4.93
C VAL C 307 -7.52 -41.20 -4.43
N ALA C 308 -6.23 -40.84 -4.42
CA ALA C 308 -5.22 -41.77 -3.93
C ALA C 308 -5.46 -42.06 -2.45
N ALA C 309 -5.87 -41.04 -1.68
CA ALA C 309 -6.16 -41.29 -0.25
C ALA C 309 -7.35 -42.24 -0.08
N THR C 310 -8.34 -42.10 -0.95
CA THR C 310 -9.53 -42.94 -0.91
C THR C 310 -9.17 -44.39 -1.27
N SER C 311 -8.32 -44.59 -2.28
CA SER C 311 -7.95 -45.97 -2.61
C SER C 311 -7.09 -46.56 -1.49
N ALA C 312 -6.19 -45.76 -0.91
CA ALA C 312 -5.36 -46.23 0.20
C ALA C 312 -6.28 -46.63 1.38
N TYR C 313 -7.33 -45.85 1.62
CA TYR C 313 -8.29 -46.12 2.69
C TYR C 313 -8.98 -47.47 2.47
N ARG C 314 -9.41 -47.71 1.24
CA ARG C 314 -10.09 -48.95 0.93
C ARG C 314 -9.12 -50.12 1.02
N TYR C 315 -7.85 -49.91 0.64
CA TYR C 315 -6.86 -50.97 0.71
C TYR C 315 -6.52 -51.33 2.15
N VAL C 316 -6.35 -50.33 3.00
CA VAL C 316 -6.03 -50.56 4.41
C VAL C 316 -7.21 -51.22 5.14
N THR C 317 -8.42 -50.74 4.89
CA THR C 317 -9.58 -51.30 5.55
C THR C 317 -9.75 -52.78 5.18
N GLU C 318 -9.46 -53.13 3.93
CA GLU C 318 -9.57 -54.52 3.51
C GLU C 318 -8.54 -55.40 4.20
N LYS C 319 -7.31 -54.91 4.28
CA LYS C 319 -6.24 -55.67 4.90
C LYS C 319 -6.50 -55.89 6.39
N GLY D 13 -29.13 -16.95 -31.73
CA GLY D 13 -29.10 -16.45 -30.36
C GLY D 13 -27.70 -16.15 -29.88
N GLU D 14 -26.75 -15.96 -30.79
CA GLU D 14 -25.35 -15.65 -30.45
C GLU D 14 -24.47 -16.91 -30.31
N LYS D 15 -23.25 -16.84 -30.83
CA LYS D 15 -22.35 -17.97 -30.78
C LYS D 15 -21.23 -17.83 -29.76
N PHE D 16 -20.95 -18.95 -29.10
CA PHE D 16 -19.91 -19.01 -28.08
C PHE D 16 -18.95 -20.13 -28.43
N ASP D 17 -17.71 -20.06 -27.95
CA ASP D 17 -16.77 -21.15 -28.21
C ASP D 17 -17.22 -22.34 -27.39
N VAL D 18 -17.75 -22.05 -26.20
CA VAL D 18 -18.22 -23.09 -25.32
C VAL D 18 -19.38 -22.67 -24.45
N ILE D 19 -20.35 -23.55 -24.34
CA ILE D 19 -21.46 -23.29 -23.46
C ILE D 19 -21.33 -24.40 -22.43
N ILE D 20 -21.37 -24.00 -21.16
CA ILE D 20 -21.27 -24.92 -20.04
C ILE D 20 -22.69 -25.10 -19.49
N VAL D 21 -23.14 -26.35 -19.36
CA VAL D 21 -24.47 -26.67 -18.81
C VAL D 21 -24.40 -27.16 -17.37
N GLY D 22 -25.00 -26.38 -16.47
CA GLY D 22 -25.02 -26.71 -15.08
C GLY D 22 -24.36 -25.57 -14.34
N LEU D 23 -24.53 -25.51 -13.02
CA LEU D 23 -23.95 -24.45 -12.23
C LEU D 23 -23.52 -24.96 -10.86
N GLY D 24 -22.99 -26.18 -10.86
CA GLY D 24 -22.49 -26.77 -9.62
C GLY D 24 -20.96 -26.65 -9.63
N PRO D 25 -20.28 -27.31 -8.70
CA PRO D 25 -18.81 -27.23 -8.69
C PRO D 25 -18.12 -27.56 -10.05
N ALA D 26 -18.59 -28.58 -10.78
CA ALA D 26 -17.95 -28.95 -12.05
C ALA D 26 -18.06 -27.79 -13.04
N ALA D 27 -19.25 -27.19 -13.14
CA ALA D 27 -19.49 -26.06 -14.02
C ALA D 27 -18.61 -24.87 -13.61
N TYR D 28 -18.54 -24.54 -12.32
CA TYR D 28 -17.66 -23.44 -11.88
C TYR D 28 -16.22 -23.70 -12.28
N GLY D 29 -15.75 -24.91 -12.00
CA GLY D 29 -14.39 -25.23 -12.35
C GLY D 29 -14.13 -25.16 -13.85
N ALA D 30 -15.11 -25.59 -14.63
CA ALA D 30 -14.97 -25.56 -16.07
C ALA D 30 -15.02 -24.12 -16.56
N ALA D 31 -15.91 -23.33 -15.97
CA ALA D 31 -16.03 -21.95 -16.39
C ALA D 31 -14.74 -21.19 -16.13
N LEU D 32 -14.09 -21.40 -14.98
CA LEU D 32 -12.82 -20.70 -14.66
C LEU D 32 -11.72 -20.95 -15.69
N TYR D 33 -11.49 -22.22 -15.99
CA TYR D 33 -10.48 -22.56 -16.97
C TYR D 33 -10.88 -22.15 -18.38
N SER D 34 -12.16 -22.29 -18.73
CA SER D 34 -12.61 -21.89 -20.06
C SER D 34 -12.32 -20.41 -20.29
N ALA D 35 -12.66 -19.57 -19.31
CA ALA D 35 -12.39 -18.12 -19.40
C ALA D 35 -10.89 -17.81 -19.46
N ARG D 36 -10.11 -18.48 -18.61
CA ARG D 36 -8.69 -18.26 -18.60
C ARG D 36 -8.03 -18.68 -19.92
N TYR D 37 -8.66 -19.57 -20.69
CA TYR D 37 -8.10 -19.96 -21.99
C TYR D 37 -8.61 -18.97 -23.04
N MET D 38 -9.28 -17.91 -22.58
CA MET D 38 -9.87 -16.89 -23.44
C MET D 38 -10.89 -17.42 -24.41
N LEU D 39 -11.64 -18.42 -23.96
CA LEU D 39 -12.71 -19.00 -24.76
C LEU D 39 -13.92 -18.13 -24.49
N LYS D 40 -14.72 -17.86 -25.54
CA LYS D 40 -15.94 -17.06 -25.37
C LYS D 40 -16.89 -18.06 -24.71
N THR D 41 -17.13 -17.87 -23.43
CA THR D 41 -17.93 -18.80 -22.62
C THR D 41 -19.27 -18.31 -22.14
N LEU D 42 -20.21 -19.24 -22.00
CA LEU D 42 -21.54 -18.93 -21.50
C LEU D 42 -21.94 -20.09 -20.61
N VAL D 43 -22.43 -19.77 -19.41
CA VAL D 43 -22.89 -20.80 -18.49
C VAL D 43 -24.43 -20.75 -18.38
N ILE D 44 -25.08 -21.90 -18.50
CA ILE D 44 -26.53 -21.99 -18.36
C ILE D 44 -26.85 -23.08 -17.33
N GLY D 45 -27.26 -22.66 -16.15
CA GLY D 45 -27.58 -23.61 -15.10
C GLY D 45 -28.78 -23.22 -14.28
N GLU D 46 -29.51 -24.21 -13.77
CA GLU D 46 -30.70 -23.90 -13.00
C GLU D 46 -30.51 -23.47 -11.56
N THR D 47 -29.51 -24.04 -10.87
CA THR D 47 -29.32 -23.73 -9.46
C THR D 47 -27.88 -23.43 -9.10
N PRO D 48 -27.58 -22.17 -8.74
CA PRO D 48 -26.22 -21.74 -8.37
C PRO D 48 -25.72 -22.61 -7.23
N GLY D 49 -24.62 -23.30 -7.47
CA GLY D 49 -24.06 -24.14 -6.42
C GLY D 49 -24.41 -25.62 -6.55
N GLY D 50 -25.48 -25.94 -7.28
CA GLY D 50 -25.88 -27.32 -7.42
C GLY D 50 -26.13 -27.96 -6.05
N GLN D 51 -25.65 -29.18 -5.84
CA GLN D 51 -25.87 -29.87 -4.59
C GLN D 51 -25.26 -29.15 -3.38
N LEU D 52 -24.50 -28.09 -3.61
CA LEU D 52 -23.92 -27.34 -2.49
C LEU D 52 -25.04 -26.59 -1.77
N THR D 53 -26.16 -26.39 -2.45
CA THR D 53 -27.28 -25.68 -1.82
C THR D 53 -27.82 -26.48 -0.67
N GLU D 54 -27.45 -27.76 -0.59
CA GLU D 54 -27.94 -28.61 0.49
C GLU D 54 -26.88 -29.06 1.48
N ALA D 55 -25.68 -28.49 1.38
CA ALA D 55 -24.60 -28.90 2.27
C ALA D 55 -24.42 -27.90 3.40
N GLY D 56 -23.78 -28.33 4.47
CA GLY D 56 -23.55 -27.43 5.59
C GLY D 56 -22.12 -26.92 5.51
N ILE D 57 -21.29 -27.30 6.47
CA ILE D 57 -19.90 -26.86 6.46
C ILE D 57 -19.04 -27.80 5.61
N VAL D 58 -18.21 -27.23 4.75
CA VAL D 58 -17.32 -28.02 3.91
C VAL D 58 -15.88 -27.87 4.42
N ASP D 59 -15.27 -28.99 4.77
CA ASP D 59 -13.91 -28.99 5.26
C ASP D 59 -13.03 -29.99 4.49
N ASP D 60 -13.46 -30.40 3.29
CA ASP D 60 -12.65 -31.32 2.52
C ASP D 60 -12.14 -30.75 1.20
N TYR D 61 -12.24 -29.43 1.02
CA TYR D 61 -11.74 -28.78 -0.20
C TYR D 61 -10.49 -28.02 0.27
N LEU D 62 -9.32 -28.57 -0.06
CA LEU D 62 -8.06 -28.02 0.40
C LEU D 62 -7.90 -26.52 0.23
N GLY D 63 -7.60 -25.82 1.33
CA GLY D 63 -7.40 -24.38 1.20
C GLY D 63 -8.57 -23.54 1.71
N LEU D 64 -9.79 -24.09 1.71
CA LEU D 64 -10.98 -23.36 2.19
C LEU D 64 -11.39 -24.04 3.50
N ILE D 65 -10.81 -23.58 4.60
CA ILE D 65 -11.06 -24.23 5.86
C ILE D 65 -12.42 -23.94 6.47
N GLU D 66 -13.14 -25.00 6.81
CA GLU D 66 -14.44 -24.91 7.45
C GLU D 66 -15.34 -23.84 6.86
N ILE D 67 -15.52 -23.89 5.53
CA ILE D 67 -16.35 -22.89 4.88
C ILE D 67 -17.81 -23.35 4.74
N GLN D 68 -18.73 -22.46 5.08
CA GLN D 68 -20.15 -22.77 4.93
C GLN D 68 -20.35 -23.02 3.43
N ALA D 69 -21.22 -23.95 3.08
CA ALA D 69 -21.44 -24.26 1.67
C ALA D 69 -21.98 -23.03 0.91
N SER D 70 -22.81 -22.24 1.59
CA SER D 70 -23.39 -21.06 0.96
C SER D 70 -22.30 -20.04 0.65
N ASP D 71 -21.25 -20.00 1.48
CA ASP D 71 -20.14 -19.09 1.23
C ASP D 71 -19.22 -19.68 0.12
N MET D 72 -19.17 -21.00 0.04
CA MET D 72 -18.34 -21.60 -1.01
C MET D 72 -18.96 -21.23 -2.35
N ILE D 73 -20.29 -21.35 -2.46
CA ILE D 73 -20.99 -21.01 -3.70
C ILE D 73 -20.67 -19.54 -4.04
N LYS D 74 -20.67 -18.67 -3.03
CA LYS D 74 -20.39 -17.26 -3.29
C LYS D 74 -18.99 -16.98 -3.81
N VAL D 75 -17.99 -17.63 -3.22
CA VAL D 75 -16.66 -17.34 -3.68
C VAL D 75 -16.38 -18.03 -5.01
N PHE D 76 -17.07 -19.13 -5.29
CA PHE D 76 -16.92 -19.81 -6.57
C PHE D 76 -17.53 -18.88 -7.61
N ASN D 77 -18.67 -18.29 -7.29
CA ASN D 77 -19.29 -17.40 -8.27
C ASN D 77 -18.45 -16.13 -8.45
N LYS D 78 -17.89 -15.64 -7.35
CA LYS D 78 -17.07 -14.44 -7.43
C LYS D 78 -15.85 -14.67 -8.32
N HIS D 79 -15.29 -15.86 -8.21
CA HIS D 79 -14.11 -16.18 -8.99
C HIS D 79 -14.39 -16.17 -10.51
N ILE D 80 -15.48 -16.80 -10.96
CA ILE D 80 -15.72 -16.80 -12.40
C ILE D 80 -16.22 -15.42 -12.86
N GLU D 81 -16.80 -14.66 -11.95
CA GLU D 81 -17.24 -13.31 -12.35
C GLU D 81 -16.06 -12.38 -12.50
N LYS D 82 -14.92 -12.71 -11.88
CA LYS D 82 -13.73 -11.89 -12.02
C LYS D 82 -13.33 -11.99 -13.50
N TYR D 83 -13.77 -13.07 -14.16
CA TYR D 83 -13.47 -13.26 -15.58
C TYR D 83 -14.68 -12.88 -16.44
N GLU D 84 -15.69 -12.31 -15.80
CA GLU D 84 -16.91 -11.85 -16.47
C GLU D 84 -17.59 -12.90 -17.32
N VAL D 85 -17.69 -14.11 -16.80
CA VAL D 85 -18.38 -15.16 -17.54
C VAL D 85 -19.88 -14.90 -17.36
N PRO D 86 -20.64 -14.82 -18.46
CA PRO D 86 -22.08 -14.61 -18.33
C PRO D 86 -22.72 -15.92 -17.85
N VAL D 87 -23.68 -15.80 -16.94
CA VAL D 87 -24.37 -16.93 -16.36
C VAL D 87 -25.88 -16.73 -16.53
N LEU D 88 -26.56 -17.69 -17.13
CA LEU D 88 -28.01 -17.61 -17.27
C LEU D 88 -28.65 -18.70 -16.41
N LEU D 89 -29.59 -18.31 -15.56
CA LEU D 89 -30.26 -19.31 -14.73
C LEU D 89 -31.48 -19.86 -15.47
N ASP D 90 -31.35 -21.05 -16.03
CA ASP D 90 -32.44 -21.67 -16.77
C ASP D 90 -32.13 -23.13 -16.96
N ILE D 91 -33.11 -23.88 -17.42
CA ILE D 91 -32.96 -25.29 -17.67
C ILE D 91 -32.68 -25.49 -19.17
N VAL D 92 -31.64 -26.27 -19.50
CA VAL D 92 -31.31 -26.56 -20.89
C VAL D 92 -32.17 -27.74 -21.28
N GLU D 93 -33.00 -27.55 -22.29
CA GLU D 93 -33.92 -28.58 -22.70
C GLU D 93 -33.37 -29.51 -23.76
N LYS D 94 -32.51 -29.00 -24.64
CA LYS D 94 -31.98 -29.88 -25.69
C LYS D 94 -30.65 -29.39 -26.21
N ILE D 95 -29.88 -30.32 -26.75
CA ILE D 95 -28.61 -29.95 -27.33
C ILE D 95 -28.65 -30.58 -28.71
N GLU D 96 -28.80 -29.73 -29.71
CA GLU D 96 -28.91 -30.13 -31.11
C GLU D 96 -27.57 -30.00 -31.85
N ASN D 97 -27.25 -31.02 -32.63
CA ASN D 97 -26.01 -31.02 -33.40
C ASN D 97 -26.30 -30.58 -34.83
N ARG D 98 -26.10 -29.29 -35.08
CA ARG D 98 -26.32 -28.69 -36.39
C ARG D 98 -25.11 -29.01 -37.27
N GLY D 99 -24.46 -30.14 -36.97
CA GLY D 99 -23.31 -30.58 -37.73
C GLY D 99 -22.11 -29.68 -37.58
N ASP D 100 -22.24 -28.45 -38.03
CA ASP D 100 -21.15 -27.50 -37.96
C ASP D 100 -20.99 -26.92 -36.56
N GLU D 101 -22.08 -26.91 -35.79
CA GLU D 101 -22.08 -26.37 -34.43
C GLU D 101 -23.21 -26.98 -33.63
N PHE D 102 -23.30 -26.58 -32.37
CA PHE D 102 -24.35 -27.05 -31.49
C PHE D 102 -25.32 -25.94 -31.23
N VAL D 103 -26.58 -26.30 -31.00
CA VAL D 103 -27.57 -25.32 -30.66
C VAL D 103 -28.11 -25.81 -29.35
N VAL D 104 -27.94 -24.98 -28.33
CA VAL D 104 -28.38 -25.30 -26.98
C VAL D 104 -29.66 -24.55 -26.73
N LYS D 105 -30.75 -25.31 -26.58
CA LYS D 105 -32.10 -24.80 -26.38
C LYS D 105 -32.46 -24.80 -24.91
N THR D 106 -32.88 -23.63 -24.41
CA THR D 106 -33.30 -23.48 -23.02
C THR D 106 -34.83 -23.38 -22.93
N LYS D 107 -35.38 -23.52 -21.73
CA LYS D 107 -36.82 -23.43 -21.53
C LYS D 107 -37.38 -22.00 -21.69
N ARG D 108 -36.73 -21.02 -21.07
CA ARG D 108 -37.21 -19.65 -21.13
C ARG D 108 -36.34 -18.61 -21.83
N LYS D 109 -35.05 -18.84 -21.91
CA LYS D 109 -34.16 -17.84 -22.52
C LYS D 109 -33.86 -17.96 -24.01
N GLY D 110 -34.54 -18.86 -24.70
CA GLY D 110 -34.30 -18.98 -26.13
C GLY D 110 -33.13 -19.92 -26.42
N GLU D 111 -32.57 -19.86 -27.63
CA GLU D 111 -31.46 -20.74 -27.99
C GLU D 111 -30.15 -20.04 -28.27
N PHE D 112 -29.04 -20.75 -28.03
CA PHE D 112 -27.69 -20.24 -28.24
C PHE D 112 -26.82 -21.25 -28.98
N LYS D 113 -25.82 -20.76 -29.69
CA LYS D 113 -24.96 -21.60 -30.51
C LYS D 113 -23.57 -21.76 -29.90
N ALA D 114 -22.90 -22.86 -30.19
CA ALA D 114 -21.56 -23.04 -29.60
C ALA D 114 -20.72 -24.00 -30.37
N ASP D 115 -19.41 -23.79 -30.34
CA ASP D 115 -18.53 -24.73 -31.01
C ASP D 115 -18.35 -25.98 -30.15
N SER D 116 -18.48 -25.84 -28.83
CA SER D 116 -18.36 -26.99 -27.93
C SER D 116 -19.30 -26.82 -26.74
N VAL D 117 -19.59 -27.93 -26.07
CA VAL D 117 -20.48 -27.92 -24.92
C VAL D 117 -19.83 -28.74 -23.83
N ILE D 118 -19.93 -28.26 -22.60
CA ILE D 118 -19.41 -29.00 -21.44
C ILE D 118 -20.61 -29.25 -20.54
N LEU D 119 -20.87 -30.52 -20.26
CA LEU D 119 -21.98 -30.86 -19.35
C LEU D 119 -21.52 -31.07 -17.90
N GLY D 120 -22.12 -30.32 -16.99
CA GLY D 120 -21.81 -30.46 -15.57
C GLY D 120 -23.17 -30.55 -14.90
N ILE D 121 -24.02 -31.44 -15.41
CA ILE D 121 -25.38 -31.55 -14.88
C ILE D 121 -25.60 -32.37 -13.61
N GLY D 122 -24.55 -32.95 -13.05
CA GLY D 122 -24.70 -33.72 -11.83
C GLY D 122 -25.72 -34.84 -11.82
N VAL D 123 -26.15 -35.24 -10.63
CA VAL D 123 -27.13 -36.30 -10.50
C VAL D 123 -28.18 -35.89 -9.46
N LYS D 124 -29.29 -36.62 -9.43
CA LYS D 124 -30.35 -36.36 -8.48
C LYS D 124 -30.16 -37.21 -7.25
N ARG D 125 -30.14 -36.55 -6.11
CA ARG D 125 -30.01 -37.23 -4.83
C ARG D 125 -31.32 -37.99 -4.66
N ARG D 126 -31.23 -39.30 -4.44
CA ARG D 126 -32.40 -40.14 -4.24
C ARG D 126 -32.99 -39.74 -2.87
N LYS D 127 -34.31 -39.68 -2.78
CA LYS D 127 -34.98 -39.24 -1.55
C LYS D 127 -35.68 -40.30 -0.71
N LEU D 128 -35.57 -40.12 0.60
CA LEU D 128 -36.17 -41.01 1.58
C LEU D 128 -37.67 -40.71 1.57
N GLY D 129 -38.00 -39.42 1.53
CA GLY D 129 -39.37 -38.97 1.51
C GLY D 129 -40.06 -39.17 2.85
N VAL D 130 -39.35 -38.86 3.93
CA VAL D 130 -39.92 -39.02 5.26
C VAL D 130 -39.99 -37.68 5.94
N PRO D 131 -40.96 -37.52 6.85
CA PRO D 131 -41.13 -36.27 7.60
C PRO D 131 -39.83 -35.99 8.33
N GLY D 132 -39.36 -34.75 8.23
CA GLY D 132 -38.13 -34.36 8.86
C GLY D 132 -36.97 -34.27 7.88
N GLU D 133 -37.01 -35.02 6.79
CA GLU D 133 -35.92 -35.01 5.81
C GLU D 133 -35.58 -33.60 5.34
N GLN D 134 -36.58 -32.75 5.15
CA GLN D 134 -36.34 -31.37 4.72
C GLN D 134 -36.02 -30.48 5.90
N GLU D 135 -36.76 -30.69 6.98
CA GLU D 135 -36.63 -29.92 8.22
C GLU D 135 -35.28 -29.94 8.93
N PHE D 136 -34.52 -31.02 8.81
CA PHE D 136 -33.25 -31.09 9.51
C PHE D 136 -32.00 -31.13 8.63
N ALA D 137 -32.10 -30.58 7.44
CA ALA D 137 -30.98 -30.51 6.52
C ALA D 137 -29.99 -29.50 7.11
N GLY D 138 -28.70 -29.83 7.04
CA GLY D 138 -27.70 -28.95 7.61
C GLY D 138 -27.90 -28.87 9.10
N ARG D 139 -28.88 -29.61 9.62
CA ARG D 139 -29.15 -29.60 11.05
C ARG D 139 -29.18 -31.01 11.63
N GLY D 140 -28.33 -31.88 11.10
CA GLY D 140 -28.26 -33.23 11.62
C GLY D 140 -28.46 -34.28 10.57
N ILE D 141 -28.86 -33.88 9.37
CA ILE D 141 -29.06 -34.84 8.31
C ILE D 141 -27.93 -34.63 7.32
N SER D 142 -27.43 -35.72 6.73
CA SER D 142 -26.36 -35.64 5.74
C SER D 142 -26.54 -36.68 4.65
N TYR D 143 -26.01 -36.37 3.47
CA TYR D 143 -26.08 -37.27 2.35
C TYR D 143 -24.67 -37.69 1.96
N CYS D 144 -23.70 -37.36 2.80
CA CYS D 144 -22.33 -37.73 2.48
C CYS D 144 -21.53 -38.04 3.72
N SER D 145 -21.34 -39.34 3.98
CA SER D 145 -20.59 -39.79 5.16
C SER D 145 -19.13 -39.35 5.10
N VAL D 146 -18.51 -39.46 3.93
CA VAL D 146 -17.11 -39.09 3.87
C VAL D 146 -16.96 -37.60 4.23
N CYS D 147 -17.88 -36.77 3.75
CA CYS D 147 -17.83 -35.34 4.05
C CYS D 147 -18.08 -34.94 5.54
N ASP D 148 -19.16 -35.45 6.13
CA ASP D 148 -19.53 -35.04 7.51
C ASP D 148 -19.21 -35.94 8.71
N ALA D 149 -18.75 -37.16 8.47
CA ALA D 149 -18.42 -38.04 9.58
C ALA D 149 -17.56 -37.33 10.67
N PRO D 150 -16.54 -36.54 10.27
CA PRO D 150 -15.72 -35.88 11.30
C PRO D 150 -16.51 -34.99 12.24
N LEU D 151 -17.66 -34.51 11.78
CA LEU D 151 -18.52 -33.66 12.59
C LEU D 151 -19.20 -34.47 13.70
N PHE D 152 -19.12 -35.80 13.64
CA PHE D 152 -19.82 -36.58 14.64
C PHE D 152 -18.96 -37.46 15.54
N LYS D 153 -17.80 -36.96 15.91
CA LYS D 153 -16.89 -37.69 16.81
C LYS D 153 -17.62 -37.84 18.16
N ASN D 154 -17.61 -39.05 18.71
CA ASN D 154 -18.27 -39.32 19.98
C ASN D 154 -19.72 -38.86 20.00
N ARG D 155 -20.48 -39.26 18.98
CA ARG D 155 -21.90 -38.93 18.90
C ARG D 155 -22.58 -40.19 18.39
N VAL D 156 -23.91 -40.15 18.32
CA VAL D 156 -24.69 -41.30 17.87
C VAL D 156 -25.33 -40.94 16.54
N VAL D 157 -25.14 -41.79 15.55
CA VAL D 157 -25.71 -41.50 14.23
C VAL D 157 -26.38 -42.74 13.68
N ALA D 158 -27.20 -42.55 12.65
CA ALA D 158 -27.82 -43.67 11.97
C ALA D 158 -27.48 -43.48 10.49
N VAL D 159 -27.14 -44.57 9.81
CA VAL D 159 -26.85 -44.54 8.39
C VAL D 159 -27.94 -45.39 7.78
N ILE D 160 -28.55 -44.89 6.71
CA ILE D 160 -29.63 -45.58 6.03
C ILE D 160 -29.28 -46.01 4.62
N GLY D 161 -29.41 -47.30 4.35
CA GLY D 161 -29.14 -47.83 3.02
C GLY D 161 -28.40 -49.15 3.10
N GLY D 162 -28.23 -49.82 1.95
CA GLY D 162 -27.52 -51.09 1.97
C GLY D 162 -26.52 -51.29 0.85
N GLY D 163 -26.09 -50.21 0.20
CA GLY D 163 -25.13 -50.34 -0.88
C GLY D 163 -23.71 -50.01 -0.44
N ASP D 164 -22.83 -49.76 -1.41
CA ASP D 164 -21.44 -49.43 -1.10
C ASP D 164 -21.37 -48.16 -0.26
N SER D 165 -22.12 -47.13 -0.66
CA SER D 165 -22.12 -45.87 0.07
C SER D 165 -22.51 -45.98 1.53
N ALA D 166 -23.56 -46.74 1.83
CA ALA D 166 -24.01 -46.90 3.21
C ALA D 166 -23.01 -47.68 4.02
N LEU D 167 -22.47 -48.73 3.42
CA LEU D 167 -21.50 -49.56 4.15
C LEU D 167 -20.18 -48.80 4.40
N GLU D 168 -19.55 -48.26 3.36
CA GLU D 168 -18.31 -47.51 3.58
C GLU D 168 -18.64 -46.37 4.56
N GLY D 169 -19.85 -45.82 4.45
CA GLY D 169 -20.27 -44.77 5.34
C GLY D 169 -20.25 -45.24 6.79
N ALA D 170 -20.89 -46.38 7.06
CA ALA D 170 -20.92 -46.94 8.41
C ALA D 170 -19.49 -47.11 8.92
N GLU D 171 -18.63 -47.57 8.02
CA GLU D 171 -17.20 -47.80 8.28
C GLU D 171 -16.42 -46.56 8.78
N ILE D 172 -16.59 -45.44 8.10
CA ILE D 172 -15.92 -44.19 8.49
C ILE D 172 -16.54 -43.66 9.76
N LEU D 173 -17.88 -43.66 9.80
CA LEU D 173 -18.58 -43.18 10.97
C LEU D 173 -18.18 -43.95 12.23
N SER D 174 -17.95 -45.25 12.09
CA SER D 174 -17.57 -46.07 13.25
C SER D 174 -16.23 -45.66 13.85
N SER D 175 -15.43 -44.89 13.10
CA SER D 175 -14.14 -44.40 13.57
C SER D 175 -14.30 -43.10 14.34
N TYR D 176 -15.46 -42.48 14.21
CA TYR D 176 -15.71 -41.21 14.88
C TYR D 176 -16.76 -41.28 15.98
N SER D 177 -17.91 -41.85 15.62
CA SER D 177 -19.08 -41.96 16.49
C SER D 177 -19.03 -43.03 17.58
N THR D 178 -19.76 -42.76 18.66
CA THR D 178 -19.86 -43.71 19.78
C THR D 178 -20.66 -44.93 19.30
N LYS D 179 -21.82 -44.67 18.70
CA LYS D 179 -22.63 -45.78 18.17
C LYS D 179 -23.17 -45.47 16.79
N VAL D 180 -23.18 -46.49 15.94
CA VAL D 180 -23.67 -46.35 14.57
C VAL D 180 -24.72 -47.39 14.15
N TYR D 181 -25.96 -46.95 13.88
CA TYR D 181 -27.00 -47.89 13.43
C TYR D 181 -27.06 -47.97 11.91
N LEU D 182 -26.93 -49.17 11.35
CA LEU D 182 -27.04 -49.33 9.90
C LEU D 182 -28.47 -49.83 9.69
N ILE D 183 -29.34 -48.93 9.23
CA ILE D 183 -30.75 -49.24 9.03
C ILE D 183 -30.97 -49.56 7.55
N HIS D 184 -31.34 -50.79 7.24
CA HIS D 184 -31.59 -51.17 5.84
C HIS D 184 -32.89 -51.97 5.67
N ARG D 185 -33.76 -51.50 4.78
CA ARG D 185 -35.08 -52.11 4.54
C ARG D 185 -35.04 -53.58 4.13
N ARG D 186 -34.04 -53.98 3.35
CA ARG D 186 -33.94 -55.35 2.92
C ARG D 186 -33.53 -56.21 4.09
N ASP D 187 -33.29 -57.46 3.79
CA ASP D 187 -32.90 -58.44 4.78
C ASP D 187 -31.39 -58.61 4.68
N THR D 188 -30.87 -58.37 3.48
CA THR D 188 -29.45 -58.48 3.20
C THR D 188 -28.97 -57.20 2.50
N PHE D 189 -27.68 -57.16 2.18
CA PHE D 189 -27.08 -56.00 1.53
C PHE D 189 -26.63 -56.28 0.10
N LYS D 190 -26.47 -55.22 -0.68
CA LYS D 190 -26.02 -55.34 -2.07
C LYS D 190 -24.64 -54.72 -2.20
N ALA D 191 -24.10 -54.27 -1.07
CA ALA D 191 -22.78 -53.67 -1.05
C ALA D 191 -21.80 -54.82 -1.19
N GLN D 192 -20.66 -54.56 -1.83
CA GLN D 192 -19.65 -55.60 -2.00
C GLN D 192 -19.59 -56.51 -0.79
N PRO D 193 -19.51 -57.84 -1.01
CA PRO D 193 -19.44 -58.82 0.08
C PRO D 193 -18.32 -58.48 1.08
N ILE D 194 -17.20 -57.98 0.56
CA ILE D 194 -16.05 -57.60 1.37
C ILE D 194 -16.37 -56.45 2.34
N TYR D 195 -17.09 -55.45 1.84
CA TYR D 195 -17.48 -54.29 2.64
C TYR D 195 -18.36 -54.71 3.80
N VAL D 196 -19.44 -55.43 3.48
CA VAL D 196 -20.37 -55.88 4.51
C VAL D 196 -19.65 -56.75 5.54
N GLU D 197 -18.58 -57.42 5.11
CA GLU D 197 -17.80 -58.26 6.02
C GLU D 197 -17.08 -57.43 7.07
N THR D 198 -16.19 -56.57 6.60
CA THR D 198 -15.42 -55.69 7.47
C THR D 198 -16.29 -54.97 8.49
N VAL D 199 -17.40 -54.39 8.04
CA VAL D 199 -18.31 -53.64 8.91
C VAL D 199 -18.95 -54.45 10.02
N LYS D 200 -19.35 -55.67 9.65
CA LYS D 200 -19.95 -56.62 10.56
C LYS D 200 -19.10 -56.65 11.83
N LYS D 201 -17.80 -56.90 11.61
CA LYS D 201 -16.81 -56.98 12.67
C LYS D 201 -16.62 -55.73 13.53
N LYS D 202 -17.31 -54.64 13.18
CA LYS D 202 -17.21 -53.39 13.92
C LYS D 202 -18.18 -53.40 15.10
N PRO D 203 -17.65 -53.40 16.34
CA PRO D 203 -18.40 -53.42 17.60
C PRO D 203 -19.29 -52.24 18.02
N ASN D 204 -19.24 -51.12 17.31
CA ASN D 204 -20.10 -49.99 17.68
C ASN D 204 -21.09 -49.68 16.56
N VAL D 205 -21.19 -50.62 15.63
CA VAL D 205 -22.11 -50.54 14.50
C VAL D 205 -23.23 -51.57 14.74
N GLU D 206 -24.49 -51.12 14.71
CA GLU D 206 -25.60 -52.03 14.92
C GLU D 206 -26.50 -52.14 13.70
N PHE D 207 -26.53 -53.33 13.11
CA PHE D 207 -27.37 -53.59 11.96
C PHE D 207 -28.82 -53.63 12.38
N VAL D 208 -29.64 -52.76 11.77
CA VAL D 208 -31.08 -52.71 12.02
C VAL D 208 -31.71 -53.08 10.66
N LEU D 209 -31.79 -54.38 10.36
CA LEU D 209 -32.33 -54.86 9.07
C LEU D 209 -33.85 -54.94 8.94
N ASN D 210 -34.34 -55.16 7.72
CA ASN D 210 -35.77 -55.23 7.44
C ASN D 210 -36.48 -54.05 8.09
N SER D 211 -35.83 -52.90 8.10
CA SER D 211 -36.43 -51.74 8.71
C SER D 211 -36.35 -50.50 7.85
N VAL D 212 -37.29 -49.58 8.06
CA VAL D 212 -37.30 -48.31 7.34
C VAL D 212 -37.47 -47.21 8.37
N VAL D 213 -37.09 -46.00 7.99
CA VAL D 213 -37.22 -44.83 8.84
C VAL D 213 -38.56 -44.25 8.50
N LYS D 214 -39.35 -43.95 9.51
CA LYS D 214 -40.67 -43.43 9.27
C LYS D 214 -40.71 -41.94 9.56
N GLU D 215 -39.75 -41.49 10.35
CA GLU D 215 -39.66 -40.07 10.69
C GLU D 215 -38.32 -39.74 11.29
N ILE D 216 -37.90 -38.49 11.11
CA ILE D 216 -36.66 -37.99 11.67
C ILE D 216 -37.14 -36.80 12.50
N LYS D 217 -37.01 -36.92 13.81
CA LYS D 217 -37.46 -35.88 14.72
C LYS D 217 -36.33 -35.05 15.33
N GLY D 218 -36.67 -34.29 16.37
CA GLY D 218 -35.71 -33.44 17.04
C GLY D 218 -36.30 -32.05 17.16
N ASP D 219 -35.65 -31.16 17.92
CA ASP D 219 -36.14 -29.80 18.08
C ASP D 219 -35.37 -28.88 17.13
N LYS D 220 -34.21 -28.41 17.58
CA LYS D 220 -33.38 -27.55 16.74
C LYS D 220 -32.50 -28.44 15.86
N VAL D 221 -32.07 -29.56 16.43
CA VAL D 221 -31.20 -30.49 15.73
C VAL D 221 -31.69 -31.91 15.90
N VAL D 222 -31.42 -32.73 14.89
CA VAL D 222 -31.86 -34.11 14.89
C VAL D 222 -31.65 -34.73 16.26
N LYS D 223 -32.72 -35.28 16.82
CA LYS D 223 -32.64 -35.94 18.13
C LYS D 223 -33.04 -37.41 18.08
N GLN D 224 -34.02 -37.74 17.24
CA GLN D 224 -34.49 -39.12 17.14
C GLN D 224 -34.81 -39.56 15.73
N VAL D 225 -34.82 -40.88 15.54
CA VAL D 225 -35.17 -41.46 14.26
C VAL D 225 -36.24 -42.50 14.54
N VAL D 226 -37.39 -42.37 13.89
CA VAL D 226 -38.48 -43.33 14.08
C VAL D 226 -38.27 -44.47 13.09
N VAL D 227 -38.18 -45.69 13.61
CA VAL D 227 -37.95 -46.86 12.78
C VAL D 227 -39.00 -47.97 12.97
N GLU D 228 -39.29 -48.66 11.88
CA GLU D 228 -40.26 -49.75 11.92
C GLU D 228 -39.71 -50.98 11.23
N ASN D 229 -39.92 -52.14 11.84
CA ASN D 229 -39.49 -53.41 11.27
C ASN D 229 -40.57 -53.81 10.28
N LEU D 230 -40.20 -53.99 9.02
CA LEU D 230 -41.14 -54.37 7.98
C LEU D 230 -41.69 -55.79 8.17
N LYS D 231 -41.56 -56.32 9.38
CA LYS D 231 -42.03 -57.67 9.67
C LYS D 231 -42.31 -57.86 11.16
N VAL D 240 -30.27 -40.51 18.39
CA VAL D 240 -29.27 -40.16 17.37
C VAL D 240 -29.07 -38.65 17.16
N ASN D 241 -27.82 -38.23 16.93
CA ASN D 241 -27.50 -36.81 16.70
C ASN D 241 -27.47 -36.52 15.20
N GLY D 242 -27.20 -37.53 14.41
CA GLY D 242 -27.16 -37.35 12.97
C GLY D 242 -27.70 -38.52 12.15
N VAL D 243 -28.30 -38.20 11.02
CA VAL D 243 -28.80 -39.23 10.13
C VAL D 243 -28.10 -39.09 8.76
N PHE D 244 -27.42 -40.15 8.34
CA PHE D 244 -26.73 -40.17 7.06
C PHE D 244 -27.55 -40.97 6.04
N ILE D 245 -28.05 -40.30 5.02
CA ILE D 245 -28.84 -40.97 4.01
C ILE D 245 -27.98 -41.41 2.85
N GLU D 246 -27.79 -42.71 2.73
CA GLU D 246 -26.96 -43.27 1.69
C GLU D 246 -27.73 -44.27 0.83
N ILE D 247 -28.73 -43.76 0.11
CA ILE D 247 -29.57 -44.66 -0.70
C ILE D 247 -29.35 -44.55 -2.22
N GLY D 248 -28.23 -43.96 -2.60
CA GLY D 248 -27.92 -43.85 -4.01
C GLY D 248 -28.37 -42.58 -4.71
N PHE D 249 -28.06 -42.54 -6.00
CA PHE D 249 -28.37 -41.39 -6.83
C PHE D 249 -28.93 -41.85 -8.15
N ASP D 250 -29.59 -40.93 -8.83
CA ASP D 250 -30.15 -41.25 -10.13
C ASP D 250 -29.40 -40.45 -11.19
N PRO D 251 -28.62 -41.16 -12.05
CA PRO D 251 -27.82 -40.53 -13.12
C PRO D 251 -28.72 -39.89 -14.17
N PRO D 252 -28.20 -38.92 -14.96
CA PRO D 252 -29.06 -38.29 -15.95
C PRO D 252 -29.12 -39.10 -17.27
N THR D 253 -29.56 -40.34 -17.15
CA THR D 253 -29.62 -41.23 -18.30
C THR D 253 -30.58 -40.73 -19.37
N ASP D 254 -31.77 -40.30 -18.94
CA ASP D 254 -32.80 -39.79 -19.85
C ASP D 254 -32.24 -38.66 -20.69
N PHE D 255 -31.65 -37.68 -20.02
CA PHE D 255 -31.08 -36.52 -20.70
C PHE D 255 -29.99 -36.91 -21.69
N ALA D 256 -29.09 -37.77 -21.27
CA ALA D 256 -28.01 -38.20 -22.14
C ALA D 256 -28.61 -38.91 -23.37
N LYS D 257 -29.49 -39.86 -23.13
CA LYS D 257 -30.11 -40.60 -24.23
C LYS D 257 -30.85 -39.69 -25.22
N SER D 258 -31.61 -38.72 -24.72
CA SER D 258 -32.35 -37.82 -25.60
C SER D 258 -31.46 -36.88 -26.41
N ASN D 259 -30.23 -36.69 -25.99
CA ASN D 259 -29.31 -35.80 -26.70
C ASN D 259 -28.18 -36.52 -27.43
N GLY D 260 -28.36 -37.83 -27.62
CA GLY D 260 -27.41 -38.65 -28.35
C GLY D 260 -26.08 -38.95 -27.71
N ILE D 261 -26.02 -38.91 -26.39
CA ILE D 261 -24.76 -39.15 -25.67
C ILE D 261 -24.72 -40.52 -25.02
N GLU D 262 -23.68 -41.28 -25.30
CA GLU D 262 -23.61 -42.62 -24.73
C GLU D 262 -23.47 -42.64 -23.21
N THR D 263 -24.07 -43.66 -22.59
CA THR D 263 -24.00 -43.80 -21.14
C THR D 263 -23.36 -45.13 -20.79
N ASP D 264 -22.87 -45.25 -19.56
CA ASP D 264 -22.25 -46.51 -19.18
C ASP D 264 -23.28 -47.44 -18.56
N THR D 265 -22.83 -48.58 -18.05
CA THR D 265 -23.79 -49.54 -17.52
C THR D 265 -24.53 -49.10 -16.27
N ASN D 266 -24.02 -48.05 -15.61
CA ASN D 266 -24.67 -47.53 -14.42
C ASN D 266 -25.58 -46.34 -14.83
N GLY D 267 -25.60 -45.99 -16.11
CA GLY D 267 -26.47 -44.89 -16.55
C GLY D 267 -25.80 -43.51 -16.54
N TYR D 268 -24.51 -43.43 -16.20
CA TYR D 268 -23.81 -42.14 -16.16
C TYR D 268 -23.24 -41.79 -17.52
N ILE D 269 -23.02 -40.50 -17.79
CA ILE D 269 -22.45 -40.09 -19.07
C ILE D 269 -21.03 -40.65 -19.18
N LYS D 270 -20.82 -41.48 -20.20
CA LYS D 270 -19.52 -42.11 -20.38
C LYS D 270 -18.45 -41.12 -20.84
N VAL D 271 -17.32 -41.05 -20.12
CA VAL D 271 -16.24 -40.17 -20.55
C VAL D 271 -14.92 -40.94 -20.50
N ASP D 272 -13.94 -40.45 -21.26
CA ASP D 272 -12.60 -41.02 -21.23
C ASP D 272 -11.83 -40.13 -20.25
N GLU D 273 -10.55 -40.40 -20.07
CA GLU D 273 -9.69 -39.65 -19.15
C GLU D 273 -9.77 -38.12 -19.31
N TRP D 274 -9.86 -37.67 -20.55
CA TRP D 274 -9.90 -36.25 -20.86
C TRP D 274 -11.31 -35.63 -20.89
N MET D 275 -12.23 -36.33 -20.24
CA MET D 275 -13.64 -35.88 -20.13
C MET D 275 -14.40 -35.74 -21.47
N ARG D 276 -13.97 -36.47 -22.49
CA ARG D 276 -14.66 -36.40 -23.78
C ARG D 276 -15.78 -37.45 -23.78
N THR D 277 -16.98 -37.07 -24.27
CA THR D 277 -18.09 -38.01 -24.31
C THR D 277 -18.04 -38.67 -25.70
N SER D 278 -19.06 -39.47 -26.00
CA SER D 278 -19.21 -40.15 -27.29
C SER D 278 -19.43 -39.17 -28.45
N VAL D 279 -19.82 -37.94 -28.13
CA VAL D 279 -20.06 -36.94 -29.17
C VAL D 279 -18.91 -35.92 -29.32
N PRO D 280 -18.23 -35.89 -30.49
CA PRO D 280 -17.14 -34.92 -30.67
C PRO D 280 -17.61 -33.50 -30.31
N GLY D 281 -16.81 -32.76 -29.52
CA GLY D 281 -17.19 -31.41 -29.16
C GLY D 281 -18.04 -31.29 -27.90
N VAL D 282 -18.43 -32.43 -27.34
CA VAL D 282 -19.22 -32.47 -26.11
C VAL D 282 -18.39 -33.15 -25.01
N PHE D 283 -18.19 -32.41 -23.93
CA PHE D 283 -17.40 -32.90 -22.82
C PHE D 283 -18.30 -32.90 -21.59
N ALA D 284 -17.87 -33.60 -20.53
CA ALA D 284 -18.67 -33.63 -19.32
C ALA D 284 -17.75 -33.69 -18.12
N ALA D 285 -18.20 -33.10 -17.03
CA ALA D 285 -17.43 -33.08 -15.77
C ALA D 285 -18.32 -33.25 -14.56
N GLY D 286 -17.76 -33.80 -13.49
CA GLY D 286 -18.53 -33.96 -12.26
C GLY D 286 -19.33 -35.25 -12.09
N ASP D 287 -20.25 -35.22 -11.11
CA ASP D 287 -21.10 -36.36 -10.74
C ASP D 287 -21.84 -37.03 -11.88
N CYS D 288 -22.13 -36.29 -12.94
CA CYS D 288 -22.85 -36.88 -14.05
C CYS D 288 -22.02 -37.84 -14.90
N THR D 289 -20.70 -37.84 -14.70
CA THR D 289 -19.85 -38.70 -15.53
C THR D 289 -19.52 -40.07 -14.92
N SER D 290 -18.94 -40.94 -15.74
CA SER D 290 -18.54 -42.27 -15.33
C SER D 290 -17.19 -42.23 -14.59
N ALA D 291 -16.53 -41.08 -14.57
CA ALA D 291 -15.22 -41.06 -13.90
C ALA D 291 -15.34 -40.99 -12.38
N TRP D 292 -14.55 -41.80 -11.69
CA TRP D 292 -14.55 -41.87 -10.22
C TRP D 292 -15.94 -42.04 -9.67
N LEU D 293 -16.65 -42.96 -10.30
CA LEU D 293 -18.01 -43.29 -9.95
C LEU D 293 -18.10 -43.61 -8.47
N GLY D 294 -19.03 -42.93 -7.80
CA GLY D 294 -19.25 -43.12 -6.38
C GLY D 294 -18.61 -42.05 -5.53
N PHE D 295 -17.35 -41.74 -5.82
CA PHE D 295 -16.60 -40.74 -5.05
C PHE D 295 -16.96 -39.39 -5.60
N ARG D 296 -18.03 -38.81 -5.02
CA ARG D 296 -18.59 -37.52 -5.39
C ARG D 296 -18.17 -36.42 -4.43
N GLN D 297 -17.12 -35.68 -4.79
CA GLN D 297 -16.59 -34.63 -3.93
C GLN D 297 -16.45 -33.35 -4.72
N VAL D 298 -16.45 -32.21 -4.03
CA VAL D 298 -16.30 -30.92 -4.69
C VAL D 298 -14.93 -30.82 -5.37
N ILE D 299 -13.88 -31.27 -4.67
CA ILE D 299 -12.56 -31.18 -5.24
C ILE D 299 -12.39 -31.91 -6.57
N THR D 300 -12.95 -33.11 -6.70
CA THR D 300 -12.83 -33.86 -7.93
C THR D 300 -13.72 -33.26 -9.03
N ALA D 301 -14.91 -32.79 -8.67
CA ALA D 301 -15.80 -32.14 -9.66
C ALA D 301 -15.10 -30.93 -10.24
N VAL D 302 -14.51 -30.09 -9.38
CA VAL D 302 -13.78 -28.89 -9.82
C VAL D 302 -12.60 -29.25 -10.72
N ALA D 303 -11.85 -30.29 -10.35
CA ALA D 303 -10.71 -30.70 -11.19
C ALA D 303 -11.17 -31.24 -12.54
N GLN D 304 -12.23 -32.05 -12.53
CA GLN D 304 -12.73 -32.58 -13.79
C GLN D 304 -13.20 -31.43 -14.66
N GLY D 305 -13.71 -30.34 -14.07
CA GLY D 305 -14.14 -29.19 -14.86
C GLY D 305 -12.95 -28.55 -15.56
N ALA D 306 -11.82 -28.44 -14.86
CA ALA D 306 -10.63 -27.88 -15.50
C ALA D 306 -10.20 -28.76 -16.69
N VAL D 307 -10.24 -30.10 -16.52
CA VAL D 307 -9.83 -31.02 -17.60
C VAL D 307 -10.79 -30.89 -18.81
N ALA D 308 -12.08 -30.85 -18.53
CA ALA D 308 -13.05 -30.73 -19.57
C ALA D 308 -12.87 -29.40 -20.33
N ALA D 309 -12.53 -28.33 -19.61
CA ALA D 309 -12.34 -27.03 -20.25
C ALA D 309 -11.10 -27.07 -21.12
N THR D 310 -10.09 -27.80 -20.67
CA THR D 310 -8.85 -27.90 -21.43
C THR D 310 -9.10 -28.69 -22.71
N SER D 311 -9.92 -29.73 -22.63
CA SER D 311 -10.22 -30.53 -23.82
C SER D 311 -11.07 -29.66 -24.77
N ALA D 312 -11.94 -28.83 -24.22
CA ALA D 312 -12.80 -28.02 -25.08
C ALA D 312 -11.91 -26.99 -25.80
N TYR D 313 -10.94 -26.44 -25.08
CA TYR D 313 -10.01 -25.47 -25.63
C TYR D 313 -9.25 -26.13 -26.78
N ARG D 314 -8.69 -27.32 -26.55
CA ARG D 314 -7.97 -27.98 -27.65
C ARG D 314 -8.87 -28.25 -28.84
N TYR D 315 -10.10 -28.66 -28.56
CA TYR D 315 -11.07 -28.98 -29.61
C TYR D 315 -11.41 -27.74 -30.42
N VAL D 316 -11.72 -26.66 -29.72
CA VAL D 316 -12.09 -25.43 -30.41
C VAL D 316 -10.91 -24.84 -31.17
N THR D 317 -9.74 -24.75 -30.53
CA THR D 317 -8.56 -24.19 -31.18
C THR D 317 -8.13 -25.05 -32.39
N GLU D 318 -8.21 -26.37 -32.25
CA GLU D 318 -7.88 -27.25 -33.36
C GLU D 318 -9.14 -27.39 -34.23
#